data_4NQR
#
_entry.id   4NQR
#
_cell.length_a   98.673
_cell.length_b   100.742
_cell.length_c   150.305
_cell.angle_alpha   90.00
_cell.angle_beta   90.00
_cell.angle_gamma   90.00
#
_symmetry.space_group_name_H-M   'C 2 2 21'
#
loop_
_entity.id
_entity.type
_entity.pdbx_description
1 polymer 'Amino acid/amide ABC transporter substrate-binding protein, HAAT family'
2 non-polymer ALANINE
3 non-polymer 'MAGNESIUM ION'
4 non-polymer 'FORMIC ACID'
5 non-polymer DI(HYDROXYETHYL)ETHER
6 water water
#
_entity_poly.entity_id   1
_entity_poly.type   'polypeptide(L)'
_entity_poly.pdbx_seq_one_letter_code
;SNATNTDTNSTNNSPNNTTNTTTNVTTTSDKNTIPIGIALAQTSNVALLGQEQVAGAKIAEKYFNDKGGVNGTPIKLIFQ
DTAGDEAGTINAFQTLINKDKVVGIVGPTLSQQAFSANPIAERAKVPVVGPSNTAKGIPEIGDYVARVSAPVSVVAPNSV
KAALKQNPNIKKVAVFFAQNDAFSKSETEIFQQTVKDQGLELVTVQKFQTTDTDFQSQATNAINLKPDLVIISGLAADGG
NLVRQLRELGYQGAIIGGDGLNTSNVFAVCKALCDGVLIAQAYSPEYTGEINKAFRQAYVDQYKKEPPQFSAQAFAAVQV
YVESLKALDTKNKVSKIQLPELRTELNKQLLTGKYNTPLGEISFTPIGEVVQKDFYVAQIK(MSE)EKDGSQGKFTFLK
;
_entity_poly.pdbx_strand_id   A,B
#
loop_
_chem_comp.id
_chem_comp.type
_chem_comp.name
_chem_comp.formula
FMT non-polymer 'FORMIC ACID' 'C H2 O2'
MG non-polymer 'MAGNESIUM ION' 'Mg 2'
PEG non-polymer DI(HYDROXYETHYL)ETHER 'C4 H10 O3'
#
# COMPACT_ATOMS: atom_id res chain seq x y z
N ASN A 32 33.00 -20.20 3.29
CA ASN A 32 31.79 -19.66 3.89
C ASN A 32 31.63 -18.17 3.62
N THR A 33 30.42 -17.78 3.23
CA THR A 33 30.11 -16.40 2.92
C THR A 33 28.75 -16.06 3.52
N ILE A 34 28.46 -14.77 3.63
CA ILE A 34 27.19 -14.31 4.15
C ILE A 34 26.34 -13.79 2.99
N PRO A 35 25.18 -14.44 2.76
CA PRO A 35 24.36 -14.10 1.58
C PRO A 35 23.45 -12.89 1.81
N ILE A 36 23.55 -11.91 0.92
CA ILE A 36 22.70 -10.73 0.95
C ILE A 36 21.94 -10.69 -0.37
N GLY A 37 20.62 -10.61 -0.31
CA GLY A 37 19.83 -10.63 -1.52
C GLY A 37 19.71 -9.27 -2.17
N ILE A 38 19.81 -9.26 -3.49
CA ILE A 38 19.63 -8.06 -4.28
C ILE A 38 18.47 -8.34 -5.23
N ALA A 39 17.35 -7.63 -5.01
CA ALA A 39 16.12 -7.84 -5.77
C ALA A 39 15.82 -6.54 -6.50
N LEU A 40 16.27 -6.46 -7.75
CA LEU A 40 16.16 -5.25 -8.55
C LEU A 40 15.62 -5.60 -9.92
N ALA A 41 15.15 -4.59 -10.64
CA ALA A 41 14.68 -4.80 -12.00
C ALA A 41 15.89 -4.91 -12.94
N GLN A 42 16.24 -6.15 -13.28
CA GLN A 42 17.32 -6.42 -14.21
C GLN A 42 16.81 -6.61 -15.64
N THR A 43 15.50 -6.80 -15.77
CA THR A 43 14.82 -6.89 -17.05
C THR A 43 13.58 -6.00 -16.99
N SER A 44 12.94 -5.83 -18.15
CA SER A 44 11.82 -4.90 -18.40
C SER A 44 12.30 -3.47 -18.54
N ASN A 45 11.41 -2.57 -18.93
CA ASN A 45 11.77 -1.16 -18.99
C ASN A 45 12.14 -0.58 -17.62
N VAL A 46 11.76 -1.25 -16.53
CA VAL A 46 12.15 -0.80 -15.21
C VAL A 46 13.67 -0.96 -15.03
N ALA A 47 14.29 -1.83 -15.84
CA ALA A 47 15.73 -1.99 -15.79
C ALA A 47 16.50 -0.76 -16.30
N LEU A 48 15.79 0.18 -16.93
CA LEU A 48 16.43 1.45 -17.28
C LEU A 48 16.89 2.19 -16.02
N LEU A 49 16.25 1.89 -14.89
CA LEU A 49 16.69 2.35 -13.57
CA LEU A 49 16.68 2.34 -13.57
C LEU A 49 17.51 1.26 -12.89
N GLY A 50 17.01 0.03 -12.93
CA GLY A 50 17.66 -1.07 -12.23
C GLY A 50 19.10 -1.34 -12.62
N GLN A 51 19.44 -1.17 -13.89
CA GLN A 51 20.81 -1.34 -14.42
CA GLN A 51 20.81 -1.48 -14.28
C GLN A 51 21.84 -0.58 -13.59
N GLU A 52 21.49 0.67 -13.30
CA GLU A 52 22.38 1.54 -12.55
C GLU A 52 22.58 1.03 -11.13
N GLN A 53 21.51 0.45 -10.58
CA GLN A 53 21.55 -0.04 -9.22
C GLN A 53 22.41 -1.29 -9.14
N VAL A 54 22.27 -2.20 -10.10
CA VAL A 54 23.14 -3.37 -10.17
C VAL A 54 24.60 -2.93 -10.21
N ALA A 55 24.91 -1.93 -11.02
CA ALA A 55 26.28 -1.45 -11.12
C ALA A 55 26.82 -0.98 -9.77
N GLY A 56 26.02 -0.21 -9.04
CA GLY A 56 26.42 0.25 -7.73
C GLY A 56 26.60 -0.87 -6.72
N ALA A 57 25.69 -1.84 -6.75
CA ALA A 57 25.77 -2.98 -5.84
C ALA A 57 27.04 -3.80 -6.09
N LYS A 58 27.37 -4.02 -7.36
CA LYS A 58 28.59 -4.77 -7.68
C LYS A 58 29.86 -4.03 -7.24
N ILE A 59 29.88 -2.71 -7.40
CA ILE A 59 31.00 -1.92 -6.90
C ILE A 59 31.13 -2.07 -5.38
N ALA A 60 29.99 -2.04 -4.69
CA ALA A 60 30.00 -2.24 -3.25
C ALA A 60 30.53 -3.61 -2.84
N GLU A 61 30.10 -4.65 -3.54
CA GLU A 61 30.54 -6.00 -3.19
C GLU A 61 32.06 -6.10 -3.22
N LYS A 62 32.67 -5.58 -4.29
CA LYS A 62 34.12 -5.60 -4.39
C LYS A 62 34.78 -4.72 -3.33
N TYR A 63 34.26 -3.51 -3.15
CA TYR A 63 34.83 -2.59 -2.17
C TYR A 63 34.85 -3.21 -0.78
N PHE A 64 33.72 -3.77 -0.36
CA PHE A 64 33.63 -4.34 0.98
C PHE A 64 34.35 -5.67 1.13
N ASN A 65 34.30 -6.53 0.12
CA ASN A 65 35.05 -7.77 0.21
C ASN A 65 36.56 -7.58 0.19
N ASP A 66 37.03 -6.57 -0.55
CA ASP A 66 38.46 -6.25 -0.56
C ASP A 66 38.92 -5.75 0.81
N LYS A 67 37.98 -5.26 1.61
CA LYS A 67 38.25 -4.86 2.99
C LYS A 67 37.99 -5.97 4.00
N GLY A 68 37.78 -7.19 3.51
CA GLY A 68 37.63 -8.35 4.37
C GLY A 68 36.19 -8.72 4.69
N GLY A 69 35.23 -8.13 3.99
CA GLY A 69 33.84 -8.49 4.21
C GLY A 69 33.39 -8.17 5.62
N VAL A 70 32.82 -9.16 6.28
CA VAL A 70 32.32 -9.01 7.64
C VAL A 70 33.34 -9.66 8.59
N ASN A 71 34.26 -8.85 9.10
CA ASN A 71 35.29 -9.36 10.01
C ASN A 71 36.03 -10.57 9.46
N GLY A 72 36.29 -10.55 8.17
CA GLY A 72 37.02 -11.62 7.51
C GLY A 72 36.16 -12.55 6.67
N THR A 73 34.85 -12.59 6.94
CA THR A 73 33.94 -13.44 6.18
C THR A 73 33.38 -12.67 4.99
N PRO A 74 33.65 -13.12 3.76
CA PRO A 74 33.11 -12.36 2.62
C PRO A 74 31.60 -12.35 2.60
N ILE A 75 31.03 -11.27 2.05
CA ILE A 75 29.64 -11.29 1.67
C ILE A 75 29.50 -11.92 0.28
N LYS A 76 28.31 -12.37 -0.03
CA LYS A 76 27.99 -12.80 -1.38
C LYS A 76 26.65 -12.20 -1.74
N LEU A 77 26.65 -11.32 -2.75
CA LEU A 77 25.40 -10.78 -3.24
C LEU A 77 24.73 -11.82 -4.14
N ILE A 78 23.48 -12.11 -3.83
CA ILE A 78 22.68 -13.02 -4.62
CA ILE A 78 22.65 -13.04 -4.59
C ILE A 78 21.59 -12.23 -5.32
N PHE A 79 21.70 -12.16 -6.63
CA PHE A 79 20.78 -11.37 -7.43
C PHE A 79 19.58 -12.21 -7.89
N GLN A 80 18.39 -11.69 -7.63
CA GLN A 80 17.16 -12.28 -8.19
CA GLN A 80 17.17 -12.28 -8.17
C GLN A 80 16.37 -11.17 -8.85
N ASP A 81 16.26 -11.25 -10.16
CA ASP A 81 15.56 -10.25 -10.96
C ASP A 81 14.09 -10.19 -10.56
N THR A 82 13.58 -8.99 -10.35
CA THR A 82 12.16 -8.77 -10.06
C THR A 82 11.31 -8.60 -11.32
N ALA A 83 11.95 -8.35 -12.46
CA ALA A 83 11.27 -7.83 -13.63
C ALA A 83 10.52 -6.53 -13.24
N GLY A 84 9.44 -6.21 -13.97
CA GLY A 84 8.87 -4.88 -13.88
C GLY A 84 7.57 -4.75 -13.11
N ASP A 85 7.08 -5.84 -12.51
CA ASP A 85 5.76 -5.81 -11.88
C ASP A 85 5.81 -6.31 -10.44
N GLU A 86 4.64 -6.39 -9.82
CA GLU A 86 4.54 -6.78 -8.42
C GLU A 86 4.77 -8.29 -8.24
N ALA A 87 4.14 -9.09 -9.09
CA ALA A 87 4.28 -10.54 -9.00
C ALA A 87 5.75 -10.95 -9.09
N GLY A 88 6.48 -10.34 -10.01
CA GLY A 88 7.89 -10.66 -10.16
C GLY A 88 8.72 -10.30 -8.93
N THR A 89 8.34 -9.22 -8.26
CA THR A 89 9.03 -8.79 -7.06
C THR A 89 8.73 -9.74 -5.89
N ILE A 90 7.46 -10.11 -5.74
CA ILE A 90 7.08 -11.08 -4.72
C ILE A 90 7.84 -12.39 -4.95
N ASN A 91 7.89 -12.86 -6.18
CA ASN A 91 8.62 -14.10 -6.48
CA ASN A 91 8.61 -14.09 -6.46
C ASN A 91 10.10 -13.98 -6.13
N ALA A 92 10.71 -12.87 -6.51
CA ALA A 92 12.12 -12.65 -6.21
C ALA A 92 12.37 -12.66 -4.71
N PHE A 93 11.53 -11.94 -3.96
CA PHE A 93 11.69 -11.89 -2.51
C PHE A 93 11.55 -13.29 -1.91
N GLN A 94 10.53 -14.03 -2.34
CA GLN A 94 10.29 -15.36 -1.77
C GLN A 94 11.43 -16.31 -2.09
N THR A 95 11.98 -16.22 -3.30
CA THR A 95 13.13 -17.04 -3.66
C THR A 95 14.34 -16.69 -2.81
N LEU A 96 14.62 -15.41 -2.66
CA LEU A 96 15.75 -14.97 -1.84
C LEU A 96 15.61 -15.44 -0.39
N ILE A 97 14.40 -15.32 0.15
CA ILE A 97 14.15 -15.67 1.54
C ILE A 97 14.22 -17.18 1.78
N ASN A 98 13.58 -17.94 0.90
CA ASN A 98 13.37 -19.37 1.14
C ASN A 98 14.39 -20.29 0.50
N LYS A 99 14.82 -19.98 -0.71
CA LYS A 99 15.83 -20.80 -1.38
C LYS A 99 17.24 -20.32 -1.08
N ASP A 100 17.46 -19.01 -1.23
CA ASP A 100 18.79 -18.45 -1.07
C ASP A 100 19.18 -18.14 0.37
N LYS A 101 18.20 -18.20 1.28
CA LYS A 101 18.46 -18.06 2.72
C LYS A 101 19.20 -16.76 3.06
N VAL A 102 18.81 -15.67 2.42
CA VAL A 102 19.55 -14.43 2.62
C VAL A 102 19.30 -13.83 3.99
N VAL A 103 20.29 -13.09 4.48
CA VAL A 103 20.15 -12.42 5.77
C VAL A 103 19.32 -11.14 5.69
N GLY A 104 19.20 -10.59 4.49
CA GLY A 104 18.48 -9.36 4.24
C GLY A 104 18.41 -9.12 2.76
N ILE A 105 17.53 -8.19 2.36
CA ILE A 105 17.30 -7.86 0.97
C ILE A 105 17.59 -6.37 0.73
N VAL A 106 18.25 -6.06 -0.39
CA VAL A 106 18.28 -4.72 -0.95
C VAL A 106 17.34 -4.70 -2.15
N GLY A 107 16.36 -3.81 -2.13
CA GLY A 107 15.40 -3.69 -3.21
C GLY A 107 14.05 -3.27 -2.68
N PRO A 108 13.03 -3.25 -3.55
CA PRO A 108 13.12 -3.45 -4.99
C PRO A 108 13.42 -2.10 -5.66
N THR A 109 13.34 -2.04 -6.98
CA THR A 109 13.62 -0.79 -7.68
C THR A 109 12.51 0.27 -7.48
N LEU A 110 11.25 -0.14 -7.60
CA LEU A 110 10.13 0.80 -7.59
C LEU A 110 9.32 0.76 -6.32
N SER A 111 8.86 1.93 -5.89
CA SER A 111 7.88 2.00 -4.81
C SER A 111 6.63 1.17 -5.14
N GLN A 112 6.20 1.20 -6.40
CA GLN A 112 5.03 0.42 -6.82
C GLN A 112 5.21 -1.05 -6.44
N GLN A 113 6.41 -1.57 -6.65
CA GLN A 113 6.71 -2.96 -6.31
C GLN A 113 6.83 -3.17 -4.80
N ALA A 114 7.45 -2.20 -4.12
CA ALA A 114 7.68 -2.28 -2.68
C ALA A 114 6.38 -2.39 -1.90
N PHE A 115 5.36 -1.61 -2.26
CA PHE A 115 4.13 -1.64 -1.47
C PHE A 115 3.47 -3.02 -1.51
N SER A 116 3.65 -3.75 -2.61
CA SER A 116 3.07 -5.07 -2.71
CA SER A 116 3.11 -5.11 -2.72
C SER A 116 3.98 -6.16 -2.07
N ALA A 117 5.28 -6.08 -2.33
CA ALA A 117 6.21 -7.13 -1.94
C ALA A 117 6.82 -6.98 -0.56
N ASN A 118 7.11 -5.75 -0.15
CA ASN A 118 7.74 -5.58 1.16
C ASN A 118 6.96 -6.21 2.32
N PRO A 119 5.60 -6.19 2.27
CA PRO A 119 4.88 -6.87 3.35
C PRO A 119 5.21 -8.36 3.48
N ILE A 120 5.63 -9.00 2.38
CA ILE A 120 6.08 -10.40 2.43
C ILE A 120 7.30 -10.54 3.35
N ALA A 121 8.28 -9.67 3.15
CA ALA A 121 9.47 -9.67 3.98
C ALA A 121 9.16 -9.28 5.42
N GLU A 122 8.29 -8.29 5.60
CA GLU A 122 7.87 -7.90 6.94
C GLU A 122 7.29 -9.09 7.70
N ARG A 123 6.37 -9.81 7.06
CA ARG A 123 5.72 -10.95 7.69
C ARG A 123 6.74 -12.04 8.02
N ALA A 124 7.71 -12.22 7.13
CA ALA A 124 8.75 -13.23 7.31
C ALA A 124 9.89 -12.80 8.25
N LYS A 125 9.84 -11.55 8.71
CA LYS A 125 10.87 -10.98 9.58
CA LYS A 125 10.87 -10.99 9.57
C LYS A 125 12.26 -11.05 8.91
N VAL A 126 12.31 -10.55 7.68
CA VAL A 126 13.53 -10.42 6.90
C VAL A 126 13.72 -8.94 6.59
N PRO A 127 14.88 -8.34 6.96
CA PRO A 127 15.03 -6.92 6.66
C PRO A 127 15.08 -6.63 5.16
N VAL A 128 14.52 -5.48 4.81
CA VAL A 128 14.58 -4.90 3.47
C VAL A 128 15.14 -3.49 3.61
N VAL A 129 16.11 -3.16 2.78
CA VAL A 129 16.62 -1.80 2.68
C VAL A 129 16.38 -1.34 1.24
N GLY A 130 15.48 -0.35 1.10
CA GLY A 130 15.10 0.16 -0.20
C GLY A 130 16.15 1.14 -0.71
N PRO A 131 16.62 0.91 -1.95
CA PRO A 131 17.68 1.77 -2.48
C PRO A 131 17.16 2.93 -3.34
N SER A 132 15.87 2.99 -3.61
CA SER A 132 15.34 3.90 -4.62
C SER A 132 13.84 4.05 -4.51
N ASN A 133 13.31 3.82 -3.32
CA ASN A 133 11.87 3.87 -3.18
C ASN A 133 11.52 5.13 -2.41
N THR A 134 10.99 6.12 -3.11
CA THR A 134 10.88 7.46 -2.54
C THR A 134 9.45 7.92 -2.31
N ALA A 135 8.47 7.04 -2.54
CA ALA A 135 7.08 7.37 -2.26
C ALA A 135 6.83 7.55 -0.77
N LYS A 136 5.86 8.38 -0.43
CA LYS A 136 5.41 8.49 0.95
C LYS A 136 4.92 7.13 1.43
N GLY A 137 5.33 6.75 2.64
CA GLY A 137 4.78 5.57 3.28
C GLY A 137 5.62 4.31 3.25
N ILE A 138 6.76 4.34 2.58
CA ILE A 138 7.58 3.13 2.47
C ILE A 138 8.09 2.58 3.83
N PRO A 139 8.76 3.42 4.65
CA PRO A 139 9.24 2.87 5.93
C PRO A 139 8.10 2.42 6.85
N GLU A 140 6.94 3.05 6.70
CA GLU A 140 5.76 2.71 7.47
C GLU A 140 5.18 1.33 7.13
N ILE A 141 5.66 0.69 6.08
CA ILE A 141 5.20 -0.66 5.77
C ILE A 141 5.43 -1.61 6.95
N GLY A 142 6.53 -1.41 7.68
CA GLY A 142 6.72 -2.20 8.88
C GLY A 142 8.09 -2.04 9.50
N ASP A 143 8.31 -2.81 10.55
CA ASP A 143 9.51 -2.72 11.35
C ASP A 143 10.77 -3.29 10.69
N TYR A 144 10.58 -4.00 9.57
CA TYR A 144 11.67 -4.61 8.81
C TYR A 144 11.97 -3.86 7.52
N VAL A 145 11.28 -2.73 7.29
CA VAL A 145 11.47 -1.96 6.07
C VAL A 145 12.15 -0.63 6.38
N ALA A 146 13.35 -0.45 5.83
CA ALA A 146 14.07 0.81 5.90
C ALA A 146 14.40 1.26 4.48
N ARG A 147 14.84 2.50 4.32
CA ARG A 147 15.30 2.95 3.02
C ARG A 147 16.46 3.92 3.17
N VAL A 148 17.36 3.91 2.19
CA VAL A 148 18.44 4.89 2.13
C VAL A 148 18.15 6.00 1.12
N SER A 149 17.01 5.90 0.43
CA SER A 149 16.62 6.81 -0.64
C SER A 149 15.68 7.88 -0.09
N ALA A 150 16.17 9.11 -0.02
CA ALA A 150 15.39 10.21 0.53
C ALA A 150 14.08 10.40 -0.25
N PRO A 151 12.99 10.70 0.46
CA PRO A 151 11.68 10.70 -0.21
C PRO A 151 11.33 11.94 -1.01
N VAL A 152 10.26 11.81 -1.78
CA VAL A 152 9.84 12.86 -2.68
C VAL A 152 9.65 14.22 -1.99
N SER A 153 9.16 14.20 -0.76
CA SER A 153 8.86 15.44 -0.07
C SER A 153 10.10 16.31 0.18
N VAL A 154 11.27 15.68 0.28
CA VAL A 154 12.49 16.45 0.52
C VAL A 154 13.37 16.61 -0.73
N VAL A 155 13.16 15.77 -1.74
CA VAL A 155 13.97 15.85 -2.95
C VAL A 155 13.35 16.76 -4.02
N ALA A 156 12.06 16.54 -4.31
CA ALA A 156 11.43 17.18 -5.46
C ALA A 156 11.35 18.72 -5.43
N PRO A 157 11.01 19.34 -4.28
CA PRO A 157 10.80 20.79 -4.32
C PRO A 157 12.00 21.59 -4.82
N ASN A 158 13.21 21.11 -4.57
CA ASN A 158 14.38 21.87 -5.01
C ASN A 158 14.45 22.07 -6.52
N SER A 159 13.91 21.14 -7.31
CA SER A 159 13.94 21.34 -8.75
C SER A 159 13.00 22.46 -9.19
N VAL A 160 11.87 22.64 -8.51
CA VAL A 160 10.99 23.76 -8.80
C VAL A 160 11.70 25.09 -8.48
N LYS A 161 12.34 25.13 -7.32
CA LYS A 161 13.11 26.32 -6.94
C LYS A 161 14.22 26.62 -7.95
N ALA A 162 14.89 25.59 -8.44
CA ALA A 162 15.94 25.79 -9.43
C ALA A 162 15.37 26.34 -10.73
N ALA A 163 14.21 25.85 -11.15
CA ALA A 163 13.58 26.38 -12.35
C ALA A 163 13.27 27.86 -12.22
N LEU A 164 12.78 28.25 -11.04
CA LEU A 164 12.45 29.65 -10.78
CA LEU A 164 12.44 29.65 -10.80
C LEU A 164 13.68 30.54 -10.71
N LYS A 165 14.81 29.97 -10.28
CA LYS A 165 16.06 30.72 -10.29
CA LYS A 165 16.06 30.71 -10.30
C LYS A 165 16.50 31.00 -11.73
N GLN A 166 16.37 30.00 -12.60
CA GLN A 166 16.75 30.16 -14.01
C GLN A 166 15.78 31.04 -14.79
N ASN A 167 14.51 31.03 -14.39
CA ASN A 167 13.53 31.93 -14.98
C ASN A 167 12.55 32.41 -13.93
N PRO A 168 12.86 33.56 -13.32
CA PRO A 168 12.01 34.10 -12.26
C PRO A 168 10.64 34.51 -12.75
N ASN A 169 10.44 34.57 -14.07
CA ASN A 169 9.15 34.98 -14.63
C ASN A 169 8.20 33.83 -14.96
N ILE A 170 8.56 32.61 -14.58
CA ILE A 170 7.62 31.49 -14.69
C ILE A 170 6.35 31.82 -13.91
N LYS A 171 5.20 31.68 -14.56
CA LYS A 171 3.92 31.88 -13.91
C LYS A 171 2.99 30.67 -14.04
N LYS A 172 2.96 30.05 -15.22
CA LYS A 172 2.02 28.96 -15.51
C LYS A 172 2.75 27.63 -15.59
N VAL A 173 2.20 26.63 -14.92
CA VAL A 173 2.83 25.33 -14.82
C VAL A 173 1.85 24.23 -15.24
N ALA A 174 2.31 23.35 -16.14
CA ALA A 174 1.57 22.15 -16.50
C ALA A 174 2.27 20.94 -15.90
N VAL A 175 1.49 20.06 -15.29
CA VAL A 175 2.00 18.89 -14.60
C VAL A 175 1.49 17.62 -15.27
N PHE A 176 2.37 16.63 -15.41
CA PHE A 176 2.04 15.33 -15.98
C PHE A 176 2.44 14.25 -14.99
N PHE A 177 1.64 13.20 -14.85
CA PHE A 177 2.07 12.09 -14.00
C PHE A 177 1.52 10.76 -14.49
N ALA A 178 2.27 9.71 -14.15
CA ALA A 178 1.90 8.33 -14.47
C ALA A 178 0.92 7.80 -13.42
N GLN A 179 -0.33 7.68 -13.82
CA GLN A 179 -1.39 7.36 -12.88
C GLN A 179 -1.37 5.91 -12.40
N ASN A 180 -0.61 5.06 -13.07
CA ASN A 180 -0.50 3.65 -12.68
C ASN A 180 0.66 3.36 -11.74
N ASP A 181 1.46 4.37 -11.39
CA ASP A 181 2.70 4.15 -10.65
C ASP A 181 2.66 4.86 -9.29
N ALA A 182 2.89 4.12 -8.21
CA ALA A 182 2.70 4.66 -6.86
C ALA A 182 3.64 5.83 -6.57
N PHE A 183 4.91 5.69 -6.96
CA PHE A 183 5.85 6.78 -6.73
C PHE A 183 5.46 8.01 -7.53
N SER A 184 5.03 7.84 -8.78
CA SER A 184 4.68 9.00 -9.60
C SER A 184 3.52 9.78 -9.01
N LYS A 185 2.55 9.06 -8.47
CA LYS A 185 1.42 9.71 -7.81
C LYS A 185 1.87 10.44 -6.55
N SER A 186 2.76 9.85 -5.77
CA SER A 186 3.27 10.51 -4.57
C SER A 186 4.10 11.75 -4.93
N GLU A 187 4.94 11.62 -5.95
CA GLU A 187 5.80 12.71 -6.37
C GLU A 187 4.98 13.88 -6.92
N THR A 188 3.97 13.57 -7.73
CA THR A 188 3.20 14.65 -8.34
C THR A 188 2.47 15.48 -7.29
N GLU A 189 2.06 14.84 -6.20
CA GLU A 189 1.40 15.57 -5.12
CA GLU A 189 1.40 15.57 -5.12
C GLU A 189 2.34 16.62 -4.54
N ILE A 190 3.61 16.24 -4.34
CA ILE A 190 4.61 17.17 -3.85
C ILE A 190 4.88 18.28 -4.86
N PHE A 191 5.03 17.93 -6.14
CA PHE A 191 5.26 18.96 -7.13
C PHE A 191 4.10 19.95 -7.19
N GLN A 192 2.86 19.45 -7.16
CA GLN A 192 1.69 20.33 -7.22
C GLN A 192 1.64 21.26 -6.00
N GLN A 193 1.94 20.72 -4.82
CA GLN A 193 1.93 21.54 -3.62
C GLN A 193 3.01 22.62 -3.70
N THR A 194 4.18 22.25 -4.23
CA THR A 194 5.28 23.20 -4.34
C THR A 194 4.92 24.32 -5.31
N VAL A 195 4.31 23.96 -6.43
CA VAL A 195 3.85 24.95 -7.41
C VAL A 195 2.91 25.95 -6.74
N LYS A 196 1.97 25.44 -5.95
CA LYS A 196 1.04 26.29 -5.24
C LYS A 196 1.76 27.19 -4.23
N ASP A 197 2.67 26.60 -3.46
CA ASP A 197 3.35 27.35 -2.42
C ASP A 197 4.29 28.43 -2.98
N GLN A 198 4.76 28.22 -4.20
CA GLN A 198 5.61 29.20 -4.87
C GLN A 198 4.78 30.29 -5.54
N GLY A 199 3.46 30.21 -5.40
CA GLY A 199 2.57 31.24 -5.93
C GLY A 199 2.34 31.17 -7.43
N LEU A 200 2.50 29.98 -8.00
CA LEU A 200 2.36 29.78 -9.44
C LEU A 200 0.97 29.26 -9.78
N GLU A 201 0.60 29.39 -11.05
CA GLU A 201 -0.69 28.91 -11.52
C GLU A 201 -0.55 27.51 -12.11
N LEU A 202 -1.32 26.56 -11.57
CA LEU A 202 -1.34 25.21 -12.09
C LEU A 202 -2.39 25.16 -13.21
N VAL A 203 -1.94 25.14 -14.46
CA VAL A 203 -2.89 25.25 -15.56
C VAL A 203 -3.53 23.93 -15.98
N THR A 204 -2.87 22.82 -15.70
CA THR A 204 -3.43 21.49 -15.96
C THR A 204 -2.62 20.44 -15.24
N VAL A 205 -3.29 19.34 -14.91
CA VAL A 205 -2.64 18.10 -14.51
C VAL A 205 -3.11 17.02 -15.50
N GLN A 206 -2.16 16.49 -16.27
CA GLN A 206 -2.41 15.47 -17.27
C GLN A 206 -1.92 14.12 -16.79
N LYS A 207 -2.69 13.07 -17.09
CA LYS A 207 -2.37 11.72 -16.68
C LYS A 207 -1.88 10.90 -17.88
N PHE A 208 -1.01 9.94 -17.61
CA PHE A 208 -0.59 8.96 -18.60
C PHE A 208 -0.28 7.65 -17.87
N GLN A 209 0.05 6.61 -18.62
CA GLN A 209 0.50 5.33 -18.08
C GLN A 209 1.98 5.16 -18.36
N THR A 210 2.71 4.49 -17.47
CA THR A 210 4.13 4.27 -17.71
C THR A 210 4.40 3.45 -18.98
N THR A 211 3.42 2.65 -19.40
CA THR A 211 3.54 1.82 -20.59
C THR A 211 3.19 2.56 -21.90
N ASP A 212 2.67 3.77 -21.79
CA ASP A 212 2.38 4.56 -22.98
C ASP A 212 3.67 5.00 -23.65
N THR A 213 3.62 5.11 -24.98
CA THR A 213 4.71 5.69 -25.75
C THR A 213 4.31 7.00 -26.44
N ASP A 214 2.99 7.21 -26.59
CA ASP A 214 2.40 8.35 -27.31
C ASP A 214 1.65 9.24 -26.34
N PHE A 215 2.00 10.52 -26.34
CA PHE A 215 1.43 11.50 -25.43
C PHE A 215 0.91 12.71 -26.19
N GLN A 216 0.61 12.55 -27.47
CA GLN A 216 0.29 13.73 -28.25
CA GLN A 216 0.24 13.71 -28.30
C GLN A 216 -0.91 14.51 -27.70
N SER A 217 -1.97 13.81 -27.30
CA SER A 217 -3.14 14.55 -26.84
CA SER A 217 -3.17 14.47 -26.78
C SER A 217 -2.88 15.30 -25.53
N GLN A 218 -2.23 14.65 -24.56
CA GLN A 218 -1.93 15.34 -23.30
C GLN A 218 -0.95 16.48 -23.52
N ALA A 219 0.07 16.25 -24.35
CA ALA A 219 1.07 17.28 -24.60
C ALA A 219 0.44 18.50 -25.26
N THR A 220 -0.39 18.27 -26.27
CA THR A 220 -1.07 19.36 -26.94
C THR A 220 -2.03 20.09 -26.01
N ASN A 221 -2.78 19.35 -25.20
CA ASN A 221 -3.66 19.92 -24.17
CA ASN A 221 -3.69 20.04 -24.30
C ASN A 221 -2.92 20.94 -23.32
N ALA A 222 -1.75 20.54 -22.89
CA ALA A 222 -0.93 21.38 -22.02
C ALA A 222 -0.36 22.56 -22.79
N ILE A 223 0.21 22.30 -23.96
CA ILE A 223 0.83 23.35 -24.76
C ILE A 223 -0.16 24.47 -25.09
N ASN A 224 -1.42 24.11 -25.32
CA ASN A 224 -2.44 25.10 -25.62
C ASN A 224 -2.70 26.08 -24.48
N LEU A 225 -2.28 25.72 -23.27
CA LEU A 225 -2.48 26.55 -22.08
C LEU A 225 -1.28 27.46 -21.82
N LYS A 226 -0.30 27.44 -22.71
CA LYS A 226 0.87 28.32 -22.64
C LYS A 226 1.65 28.26 -21.32
N PRO A 227 2.00 27.04 -20.89
CA PRO A 227 2.81 26.96 -19.67
C PRO A 227 4.22 27.50 -19.88
N ASP A 228 4.79 28.00 -18.79
CA ASP A 228 6.18 28.41 -18.74
C ASP A 228 7.08 27.30 -18.20
N LEU A 229 6.47 26.34 -17.51
CA LEU A 229 7.17 25.23 -16.89
C LEU A 229 6.29 23.99 -17.02
N VAL A 230 6.91 22.86 -17.34
CA VAL A 230 6.27 21.57 -17.39
C VAL A 230 7.00 20.65 -16.42
N ILE A 231 6.24 19.90 -15.62
CA ILE A 231 6.80 18.97 -14.65
C ILE A 231 6.27 17.58 -14.97
N ILE A 232 7.18 16.61 -15.02
CA ILE A 232 6.84 15.23 -15.40
C ILE A 232 7.24 14.25 -14.30
N SER A 233 6.25 13.52 -13.78
CA SER A 233 6.50 12.40 -12.87
C SER A 233 6.11 11.10 -13.55
N GLY A 234 7.11 10.40 -14.08
CA GLY A 234 6.94 9.07 -14.64
C GLY A 234 8.21 8.30 -14.45
N LEU A 235 8.40 7.25 -15.25
CA LEU A 235 9.65 6.52 -15.27
C LEU A 235 10.45 6.92 -16.52
N ALA A 236 11.44 6.12 -16.91
CA ALA A 236 12.46 6.62 -17.83
C ALA A 236 12.04 6.60 -19.30
N ALA A 237 11.57 5.46 -19.79
CA ALA A 237 11.18 5.38 -21.20
C ALA A 237 10.00 6.31 -21.47
N ASP A 238 9.00 6.25 -20.60
CA ASP A 238 7.83 7.10 -20.74
C ASP A 238 8.18 8.58 -20.59
N GLY A 239 8.93 8.90 -19.54
CA GLY A 239 9.32 10.28 -19.33
C GLY A 239 10.13 10.84 -20.49
N GLY A 240 11.08 10.06 -20.98
CA GLY A 240 11.89 10.50 -22.10
C GLY A 240 11.08 10.73 -23.37
N ASN A 241 10.14 9.82 -23.63
CA ASN A 241 9.28 9.96 -24.80
C ASN A 241 8.42 11.22 -24.70
N LEU A 242 7.88 11.49 -23.51
CA LEU A 242 7.08 12.68 -23.29
C LEU A 242 7.91 13.96 -23.47
N VAL A 243 9.11 14.00 -22.92
CA VAL A 243 10.00 15.15 -23.14
C VAL A 243 10.20 15.40 -24.63
N ARG A 244 10.54 14.34 -25.37
CA ARG A 244 10.79 14.50 -26.80
C ARG A 244 9.56 15.07 -27.50
N GLN A 245 8.40 14.51 -27.19
CA GLN A 245 7.18 14.91 -27.86
C GLN A 245 6.77 16.34 -27.54
N LEU A 246 6.93 16.76 -26.29
CA LEU A 246 6.67 18.16 -25.95
C LEU A 246 7.49 19.10 -26.83
N ARG A 247 8.78 18.79 -26.97
CA ARG A 247 9.65 19.60 -27.82
C ARG A 247 9.23 19.55 -29.30
N GLU A 248 8.91 18.35 -29.78
CA GLU A 248 8.46 18.19 -31.17
C GLU A 248 7.23 19.04 -31.45
N LEU A 249 6.34 19.13 -30.46
CA LEU A 249 5.08 19.85 -30.58
C LEU A 249 5.24 21.35 -30.35
N GLY A 250 6.48 21.80 -30.14
CA GLY A 250 6.78 23.22 -30.13
C GLY A 250 6.90 23.87 -28.76
N TYR A 251 6.84 23.08 -27.69
CA TYR A 251 7.00 23.63 -26.35
C TYR A 251 8.43 24.11 -26.15
N GLN A 252 8.58 25.37 -25.73
CA GLN A 252 9.91 25.97 -25.59
C GLN A 252 10.25 26.35 -24.15
N GLY A 253 9.37 26.06 -23.20
CA GLY A 253 9.57 26.45 -21.82
C GLY A 253 10.44 25.48 -21.06
N ALA A 254 10.51 25.66 -19.75
CA ALA A 254 11.34 24.84 -18.89
C ALA A 254 10.69 23.48 -18.64
N ILE A 255 11.51 22.47 -18.36
CA ILE A 255 11.02 21.14 -18.03
C ILE A 255 11.76 20.61 -16.80
N ILE A 256 10.98 20.11 -15.85
CA ILE A 256 11.49 19.34 -14.73
C ILE A 256 11.08 17.88 -14.88
N GLY A 257 12.02 16.98 -14.70
CA GLY A 257 11.72 15.56 -14.56
C GLY A 257 11.89 15.13 -13.12
N GLY A 258 11.02 14.23 -12.68
CA GLY A 258 11.15 13.62 -11.38
C GLY A 258 12.16 12.49 -11.35
N ASP A 259 12.18 11.76 -10.23
CA ASP A 259 13.24 10.78 -9.98
C ASP A 259 13.22 9.64 -10.99
N GLY A 260 12.06 9.35 -11.57
CA GLY A 260 11.98 8.26 -12.52
C GLY A 260 12.65 8.54 -13.85
N LEU A 261 12.93 9.83 -14.10
CA LEU A 261 13.66 10.24 -15.30
C LEU A 261 15.15 10.41 -15.01
N ASN A 262 15.57 10.11 -13.78
CA ASN A 262 16.92 10.44 -13.34
C ASN A 262 17.93 9.37 -13.75
N THR A 263 18.14 9.27 -15.06
CA THR A 263 19.09 8.33 -15.62
C THR A 263 19.50 8.78 -17.01
N SER A 264 20.78 8.61 -17.34
CA SER A 264 21.26 8.87 -18.69
C SER A 264 20.58 7.96 -19.71
N ASN A 265 19.88 6.92 -19.26
CA ASN A 265 19.10 6.12 -20.20
C ASN A 265 17.98 6.91 -20.88
N VAL A 266 17.62 8.08 -20.34
CA VAL A 266 16.67 8.92 -21.08
C VAL A 266 17.31 9.59 -22.31
N PHE A 267 18.64 9.71 -22.32
CA PHE A 267 19.31 10.45 -23.39
C PHE A 267 19.01 9.84 -24.77
N ALA A 268 18.96 8.51 -24.85
CA ALA A 268 18.70 7.86 -26.13
C ALA A 268 17.31 8.17 -26.66
N VAL A 269 16.39 8.43 -25.73
CA VAL A 269 14.99 8.57 -26.07
C VAL A 269 14.67 9.97 -26.57
N CYS A 270 15.12 10.99 -25.84
CA CYS A 270 14.86 12.36 -26.27
C CYS A 270 16.02 13.00 -27.05
N LYS A 271 17.19 12.37 -27.05
CA LYS A 271 18.36 12.86 -27.80
C LYS A 271 18.61 14.35 -27.54
N ALA A 272 18.83 15.17 -28.56
CA ALA A 272 19.14 16.57 -28.30
C ALA A 272 18.01 17.29 -27.57
N LEU A 273 16.79 16.78 -27.73
CA LEU A 273 15.61 17.39 -27.13
C LEU A 273 15.50 17.11 -25.62
N CYS A 274 16.42 16.34 -25.05
CA CYS A 274 16.51 16.22 -23.60
C CYS A 274 17.16 17.47 -22.96
N ASP A 275 17.80 18.29 -23.78
CA ASP A 275 18.62 19.37 -23.24
C ASP A 275 17.84 20.31 -22.34
N GLY A 276 18.40 20.60 -21.17
CA GLY A 276 17.83 21.57 -20.26
C GLY A 276 16.90 21.01 -19.18
N VAL A 277 16.54 19.74 -19.27
CA VAL A 277 15.66 19.17 -18.26
C VAL A 277 16.34 19.21 -16.89
N LEU A 278 15.60 19.68 -15.88
CA LEU A 278 16.08 19.78 -14.51
C LEU A 278 15.61 18.59 -13.70
N ILE A 279 16.52 17.94 -12.99
CA ILE A 279 16.19 16.78 -12.17
C ILE A 279 16.90 16.88 -10.83
N ALA A 280 16.12 16.88 -9.75
CA ALA A 280 16.68 16.91 -8.41
C ALA A 280 17.52 15.66 -8.13
N GLN A 281 18.45 15.80 -7.20
CA GLN A 281 19.41 14.73 -6.90
C GLN A 281 19.59 14.56 -5.40
N ALA A 282 19.70 13.31 -4.98
CA ALA A 282 19.96 12.95 -3.58
C ALA A 282 21.41 12.48 -3.41
N TYR A 283 22.28 12.84 -4.35
CA TYR A 283 23.66 12.39 -4.38
C TYR A 283 24.43 13.39 -5.25
N SER A 284 25.69 13.67 -4.91
CA SER A 284 26.56 14.42 -5.82
C SER A 284 27.90 13.72 -5.97
N PRO A 285 28.34 13.50 -7.22
CA PRO A 285 29.67 12.93 -7.45
C PRO A 285 30.78 13.75 -6.80
N GLU A 286 30.57 15.04 -6.64
CA GLU A 286 31.61 15.91 -6.11
C GLU A 286 31.59 16.03 -4.59
N TYR A 287 30.66 15.34 -3.93
CA TYR A 287 30.70 15.27 -2.48
C TYR A 287 32.04 14.68 -2.03
N THR A 288 32.71 15.37 -1.11
CA THR A 288 34.11 15.07 -0.81
C THR A 288 34.37 13.98 0.23
N GLY A 289 33.32 13.30 0.69
CA GLY A 289 33.50 12.22 1.64
C GLY A 289 34.44 11.15 1.10
N GLU A 290 35.31 10.63 1.96
CA GLU A 290 36.35 9.68 1.54
C GLU A 290 35.80 8.49 0.76
N ILE A 291 34.71 7.91 1.25
CA ILE A 291 34.16 6.75 0.58
C ILE A 291 33.53 7.11 -0.76
N ASN A 292 33.04 8.34 -0.89
CA ASN A 292 32.51 8.78 -2.17
C ASN A 292 33.64 8.91 -3.16
N LYS A 293 34.78 9.43 -2.71
CA LYS A 293 35.95 9.50 -3.57
C LYS A 293 36.33 8.12 -4.09
N ALA A 294 36.34 7.13 -3.20
CA ALA A 294 36.67 5.77 -3.59
C ALA A 294 35.62 5.17 -4.53
N PHE A 295 34.35 5.31 -4.17
CA PHE A 295 33.25 4.85 -4.99
C PHE A 295 33.28 5.52 -6.37
N ARG A 296 33.42 6.84 -6.38
CA ARG A 296 33.44 7.60 -7.62
C ARG A 296 34.59 7.17 -8.51
N GLN A 297 35.78 7.00 -7.93
CA GLN A 297 36.95 6.63 -8.72
C GLN A 297 36.74 5.27 -9.35
N ALA A 298 36.22 4.33 -8.57
CA ALA A 298 35.94 2.99 -9.10
C ALA A 298 34.92 3.07 -10.23
N TYR A 299 33.87 3.86 -10.02
CA TYR A 299 32.83 4.00 -11.04
C TYR A 299 33.37 4.63 -12.33
N VAL A 300 34.04 5.77 -12.22
CA VAL A 300 34.51 6.48 -13.40
C VAL A 300 35.51 5.64 -14.20
N ASP A 301 36.40 4.94 -13.50
CA ASP A 301 37.38 4.12 -14.19
C ASP A 301 36.72 3.04 -15.03
N GLN A 302 35.62 2.47 -14.53
CA GLN A 302 34.93 1.42 -15.27
C GLN A 302 33.95 1.93 -16.33
N TYR A 303 33.12 2.90 -15.95
CA TYR A 303 32.00 3.31 -16.81
C TYR A 303 32.24 4.60 -17.58
N LYS A 304 33.34 5.28 -17.29
CA LYS A 304 33.80 6.42 -18.09
C LYS A 304 32.89 7.66 -18.00
N LYS A 305 32.14 7.74 -16.90
CA LYS A 305 31.32 8.91 -16.62
C LYS A 305 31.09 8.97 -15.12
N GLU A 306 30.51 10.06 -14.65
CA GLU A 306 30.26 10.23 -13.23
C GLU A 306 29.20 9.24 -12.72
N PRO A 307 29.35 8.79 -11.47
CA PRO A 307 28.36 7.86 -10.90
C PRO A 307 26.98 8.50 -10.77
N PRO A 308 25.94 7.80 -11.25
CA PRO A 308 24.59 8.32 -11.09
C PRO A 308 24.04 8.07 -9.69
N GLN A 309 23.06 8.89 -9.31
CA GLN A 309 22.38 8.73 -8.03
C GLN A 309 21.99 7.29 -7.72
N PHE A 310 21.35 6.61 -8.66
CA PHE A 310 20.84 5.27 -8.35
C PHE A 310 21.96 4.29 -8.04
N SER A 311 23.12 4.47 -8.67
CA SER A 311 24.29 3.64 -8.36
C SER A 311 24.80 3.90 -6.95
N ALA A 312 24.91 5.19 -6.59
CA ALA A 312 25.37 5.57 -5.26
C ALA A 312 24.43 5.08 -4.17
N GLN A 313 23.12 5.15 -4.43
CA GLN A 313 22.12 4.71 -3.45
C GLN A 313 22.18 3.20 -3.25
N ALA A 314 22.36 2.45 -4.32
CA ALA A 314 22.50 1.00 -4.21
C ALA A 314 23.77 0.62 -3.43
N PHE A 315 24.88 1.32 -3.69
CA PHE A 315 26.10 1.11 -2.92
C PHE A 315 25.82 1.35 -1.43
N ALA A 316 25.15 2.45 -1.12
CA ALA A 316 24.86 2.80 0.26
C ALA A 316 24.03 1.71 0.95
N ALA A 317 23.06 1.13 0.24
CA ALA A 317 22.25 0.07 0.82
C ALA A 317 23.09 -1.15 1.17
N VAL A 318 23.99 -1.54 0.28
CA VAL A 318 24.89 -2.65 0.59
C VAL A 318 25.79 -2.30 1.77
N GLN A 319 26.32 -1.08 1.78
CA GLN A 319 27.15 -0.60 2.89
C GLN A 319 26.44 -0.72 4.24
N VAL A 320 25.17 -0.34 4.29
CA VAL A 320 24.40 -0.46 5.52
C VAL A 320 24.41 -1.90 6.02
N TYR A 321 24.16 -2.84 5.12
CA TYR A 321 24.22 -4.25 5.53
C TYR A 321 25.60 -4.69 5.98
N VAL A 322 26.65 -4.34 5.24
CA VAL A 322 27.99 -4.79 5.62
C VAL A 322 28.39 -4.25 6.98
N GLU A 323 28.20 -2.95 7.18
CA GLU A 323 28.64 -2.33 8.42
C GLU A 323 27.80 -2.81 9.60
N SER A 324 26.51 -3.05 9.37
CA SER A 324 25.65 -3.60 10.42
CA SER A 324 25.68 -3.56 10.44
C SER A 324 26.01 -5.02 10.76
N LEU A 325 26.32 -5.82 9.74
CA LEU A 325 26.76 -7.19 9.98
C LEU A 325 28.06 -7.21 10.78
N LYS A 326 28.98 -6.30 10.49
CA LYS A 326 30.23 -6.22 11.24
C LYS A 326 29.97 -5.88 12.70
N ALA A 327 29.09 -4.90 12.94
CA ALA A 327 28.79 -4.48 14.31
C ALA A 327 28.10 -5.60 15.07
N LEU A 328 27.15 -6.28 14.43
CA LEU A 328 26.46 -7.41 15.03
C LEU A 328 27.44 -8.54 15.35
N ASP A 329 28.26 -8.90 14.37
CA ASP A 329 29.20 -10.01 14.49
C ASP A 329 30.19 -9.79 15.64
N THR A 330 30.60 -8.55 15.83
CA THR A 330 31.52 -8.23 16.92
C THR A 330 30.88 -8.50 18.28
N LYS A 331 29.59 -8.21 18.41
CA LYS A 331 28.84 -8.36 19.66
CA LYS A 331 28.97 -8.42 19.71
C LYS A 331 28.24 -9.75 19.85
N ASN A 332 28.02 -10.44 18.74
CA ASN A 332 27.26 -11.69 18.71
C ASN A 332 27.62 -12.43 17.43
N LYS A 333 28.61 -13.31 17.50
CA LYS A 333 29.20 -13.90 16.30
C LYS A 333 28.16 -14.53 15.39
N VAL A 334 28.09 -14.03 14.16
CA VAL A 334 26.97 -14.41 13.29
C VAL A 334 27.00 -15.84 12.79
N SER A 335 28.20 -16.43 12.73
CA SER A 335 28.31 -17.81 12.24
C SER A 335 27.54 -18.78 13.13
N LYS A 336 27.27 -18.36 14.37
CA LYS A 336 26.60 -19.21 15.36
CA LYS A 336 26.59 -19.22 15.34
C LYS A 336 25.12 -18.90 15.50
N ILE A 337 24.66 -17.81 14.89
CA ILE A 337 23.27 -17.42 15.03
C ILE A 337 22.43 -18.10 13.98
N GLN A 338 21.36 -18.78 14.38
CA GLN A 338 20.48 -19.39 13.40
CA GLN A 338 20.47 -19.38 13.42
C GLN A 338 19.78 -18.30 12.60
N LEU A 339 19.44 -18.63 11.36
CA LEU A 339 18.96 -17.63 10.41
C LEU A 339 17.80 -16.72 10.87
N PRO A 340 16.73 -17.27 11.48
CA PRO A 340 15.64 -16.36 11.84
C PRO A 340 16.09 -15.29 12.84
N GLU A 341 16.88 -15.69 13.82
CA GLU A 341 17.41 -14.75 14.80
C GLU A 341 18.44 -13.79 14.19
N LEU A 342 19.25 -14.31 13.27
CA LEU A 342 20.22 -13.47 12.58
C LEU A 342 19.52 -12.32 11.84
N ARG A 343 18.46 -12.65 11.12
CA ARG A 343 17.67 -11.65 10.42
C ARG A 343 17.10 -10.60 11.36
N THR A 344 16.52 -11.04 12.47
CA THR A 344 15.93 -10.10 13.40
C THR A 344 16.97 -9.21 14.08
N GLU A 345 18.09 -9.80 14.46
CA GLU A 345 19.17 -9.02 15.08
C GLU A 345 19.83 -8.07 14.08
N LEU A 346 19.94 -8.49 12.82
CA LEU A 346 20.51 -7.63 11.81
C LEU A 346 19.61 -6.41 11.56
N ASN A 347 18.31 -6.65 11.47
CA ASN A 347 17.34 -5.56 11.32
C ASN A 347 17.46 -4.56 12.48
N LYS A 348 17.48 -5.09 13.70
CA LYS A 348 17.59 -4.25 14.88
C LYS A 348 18.88 -3.42 14.83
N GLN A 349 19.98 -4.07 14.48
CA GLN A 349 21.27 -3.38 14.41
C GLN A 349 21.29 -2.28 13.36
N LEU A 350 20.83 -2.59 12.15
CA LEU A 350 21.01 -1.62 11.07
C LEU A 350 20.26 -0.32 11.36
N LEU A 351 19.12 -0.43 12.04
CA LEU A 351 18.35 0.76 12.38
C LEU A 351 19.08 1.69 13.34
N THR A 352 20.06 1.19 14.09
CA THR A 352 20.80 2.00 15.05
C THR A 352 22.07 2.62 14.50
N GLY A 353 22.47 2.24 13.29
CA GLY A 353 23.78 2.62 12.80
C GLY A 353 23.86 4.00 12.22
N LYS A 354 25.10 4.50 12.17
CA LYS A 354 25.45 5.74 11.48
C LYS A 354 26.45 5.36 10.40
N TYR A 355 26.25 5.86 9.18
CA TYR A 355 27.01 5.40 8.04
C TYR A 355 27.53 6.57 7.23
N ASN A 356 28.82 6.57 6.97
CA ASN A 356 29.44 7.56 6.10
CA ASN A 356 29.39 7.57 6.10
C ASN A 356 29.48 6.99 4.70
N THR A 357 28.49 7.34 3.88
CA THR A 357 28.25 6.70 2.61
C THR A 357 28.53 7.66 1.45
N PRO A 358 28.40 7.18 0.20
CA PRO A 358 28.53 8.14 -0.91
C PRO A 358 27.47 9.24 -0.88
N LEU A 359 26.35 8.98 -0.22
CA LEU A 359 25.24 9.94 -0.12
C LEU A 359 25.48 10.98 0.97
N GLY A 360 26.59 10.84 1.69
CA GLY A 360 26.85 11.62 2.88
C GLY A 360 26.67 10.78 4.13
N GLU A 361 26.75 11.45 5.27
CA GLU A 361 26.48 10.82 6.55
C GLU A 361 24.99 10.59 6.69
N ILE A 362 24.60 9.33 6.83
CA ILE A 362 23.19 9.00 6.98
C ILE A 362 22.96 8.11 8.20
N SER A 363 21.70 8.06 8.62
CA SER A 363 21.26 7.19 9.69
C SER A 363 19.78 6.95 9.47
N PHE A 364 19.12 6.30 10.41
CA PHE A 364 17.69 6.00 10.29
C PHE A 364 16.90 6.53 11.46
N THR A 365 15.64 6.87 11.21
CA THR A 365 14.69 7.10 12.29
C THR A 365 14.27 5.73 12.85
N PRO A 366 13.58 5.72 13.99
CA PRO A 366 13.17 4.44 14.57
C PRO A 366 12.25 3.59 13.67
N ILE A 367 11.65 4.19 12.64
CA ILE A 367 10.82 3.41 11.71
C ILE A 367 11.48 3.19 10.37
N GLY A 368 12.77 3.49 10.26
CA GLY A 368 13.48 3.14 9.05
C GLY A 368 13.53 4.19 7.96
N GLU A 369 13.11 5.42 8.26
CA GLU A 369 13.27 6.52 7.34
C GLU A 369 14.72 6.98 7.34
N VAL A 370 15.23 7.38 6.18
CA VAL A 370 16.59 7.88 6.12
C VAL A 370 16.70 9.29 6.71
N VAL A 371 17.82 9.53 7.38
CA VAL A 371 18.22 10.86 7.85
C VAL A 371 19.38 11.30 6.95
N GLN A 372 19.16 12.35 6.15
CA GLN A 372 20.12 12.80 5.15
C GLN A 372 20.00 14.30 4.99
N LYS A 373 21.14 15.00 4.97
CA LYS A 373 21.13 16.45 4.98
C LYS A 373 21.12 17.16 3.62
N ASP A 374 21.92 16.67 2.67
CA ASP A 374 22.23 17.46 1.49
C ASP A 374 21.55 16.97 0.21
N PHE A 375 21.01 17.92 -0.54
CA PHE A 375 20.31 17.67 -1.79
C PHE A 375 20.75 18.67 -2.85
N TYR A 376 20.56 18.29 -4.11
CA TYR A 376 21.10 19.03 -5.24
C TYR A 376 20.09 19.06 -6.37
N VAL A 377 20.42 19.82 -7.41
CA VAL A 377 19.68 19.75 -8.67
C VAL A 377 20.71 19.70 -9.79
N ALA A 378 20.46 18.85 -10.76
CA ALA A 378 21.27 18.78 -11.96
C ALA A 378 20.41 19.08 -13.19
N GLN A 379 21.09 19.37 -14.28
CA GLN A 379 20.43 19.74 -15.52
C GLN A 379 21.06 18.95 -16.65
N ILE A 380 20.24 18.35 -17.49
CA ILE A 380 20.75 17.61 -18.63
C ILE A 380 21.35 18.58 -19.63
N LYS A 381 22.59 18.30 -20.03
CA LYS A 381 23.27 19.06 -21.07
C LYS A 381 23.62 18.10 -22.20
N MSE A 382 22.93 18.25 -23.34
CA MSE A 382 23.19 17.40 -24.49
C MSE A 382 24.13 18.09 -25.45
O MSE A 382 24.07 19.31 -25.64
CB MSE A 382 21.90 17.08 -25.24
CG MSE A 382 20.83 16.39 -24.42
SE MSE A 382 21.34 14.67 -23.67
CE MSE A 382 21.71 13.72 -25.32
N GLU A 383 24.98 17.30 -26.09
CA GLU A 383 25.72 17.82 -27.22
C GLU A 383 24.74 17.99 -28.39
N LYS A 384 25.03 18.95 -29.27
CA LYS A 384 24.10 19.36 -30.32
C LYS A 384 23.64 18.20 -31.20
N ASP A 385 24.54 17.27 -31.48
CA ASP A 385 24.23 16.13 -32.33
C ASP A 385 23.26 15.15 -31.67
N GLY A 386 23.09 15.26 -30.35
CA GLY A 386 22.13 14.45 -29.63
C GLY A 386 22.59 13.07 -29.21
N SER A 387 23.82 12.71 -29.58
CA SER A 387 24.31 11.35 -29.32
C SER A 387 24.99 11.21 -27.96
N GLN A 388 25.29 12.34 -27.31
CA GLN A 388 26.00 12.33 -26.04
C GLN A 388 25.46 13.43 -25.15
N GLY A 389 25.50 13.19 -23.84
CA GLY A 389 25.15 14.22 -22.89
C GLY A 389 25.65 13.91 -21.49
N LYS A 390 25.31 14.78 -20.55
CA LYS A 390 25.72 14.61 -19.17
C LYS A 390 24.77 15.37 -18.25
N PHE A 391 24.86 15.06 -16.96
CA PHE A 391 24.16 15.83 -15.95
C PHE A 391 25.11 16.87 -15.37
N THR A 392 24.74 18.14 -15.48
CA THR A 392 25.51 19.22 -14.90
C THR A 392 24.89 19.64 -13.59
N PHE A 393 25.66 19.56 -12.52
CA PHE A 393 25.16 19.96 -11.21
C PHE A 393 25.12 21.47 -11.05
N LEU A 394 23.99 21.98 -10.62
CA LEU A 394 23.85 23.40 -10.36
C LEU A 394 24.54 23.75 -9.04
N LYS A 395 25.13 24.93 -9.00
CA LYS A 395 25.89 25.34 -7.82
C LYS A 395 24.95 25.74 -6.70
N ASN B 32 -22.80 -24.91 -18.73
CA ASN B 32 -21.95 -23.72 -18.74
C ASN B 32 -22.32 -22.72 -17.64
N THR B 33 -21.31 -22.25 -16.92
CA THR B 33 -21.52 -21.31 -15.83
C THR B 33 -20.47 -20.20 -15.92
N ILE B 34 -20.73 -19.11 -15.23
CA ILE B 34 -19.79 -17.99 -15.18
C ILE B 34 -19.06 -17.99 -13.83
N PRO B 35 -17.73 -18.17 -13.85
CA PRO B 35 -16.98 -18.31 -12.59
C PRO B 35 -16.62 -16.96 -11.97
N ILE B 36 -16.96 -16.80 -10.69
CA ILE B 36 -16.62 -15.61 -9.93
C ILE B 36 -15.78 -16.10 -8.73
N GLY B 37 -14.62 -15.49 -8.54
CA GLY B 37 -13.74 -15.91 -7.47
C GLY B 37 -14.07 -15.26 -6.14
N ILE B 38 -13.99 -16.05 -5.07
CA ILE B 38 -14.22 -15.57 -3.73
C ILE B 38 -12.94 -15.89 -2.93
N ALA B 39 -12.21 -14.83 -2.55
CA ALA B 39 -10.93 -14.97 -1.87
C ALA B 39 -11.06 -14.34 -0.49
N LEU B 40 -11.34 -15.18 0.50
CA LEU B 40 -11.61 -14.72 1.86
C LEU B 40 -10.82 -15.56 2.85
N ALA B 41 -10.69 -15.04 4.07
CA ALA B 41 -10.00 -15.78 5.11
C ALA B 41 -10.92 -16.85 5.70
N GLN B 42 -10.66 -18.09 5.31
CA GLN B 42 -11.44 -19.23 5.79
C GLN B 42 -10.69 -20.01 6.87
N THR B 43 -9.41 -19.68 7.05
CA THR B 43 -8.58 -20.22 8.11
C THR B 43 -7.84 -19.03 8.74
N SER B 44 -7.22 -19.29 9.90
CA SER B 44 -6.53 -18.30 10.74
C SER B 44 -7.52 -17.55 11.62
N ASN B 45 -7.04 -16.73 12.53
CA ASN B 45 -7.93 -15.91 13.33
C ASN B 45 -8.72 -14.90 12.50
N VAL B 46 -8.24 -14.61 11.29
CA VAL B 46 -8.98 -13.72 10.39
C VAL B 46 -10.30 -14.38 9.94
N ALA B 47 -10.40 -15.70 10.05
CA ALA B 47 -11.64 -16.40 9.72
C ALA B 47 -12.79 -16.04 10.66
N LEU B 48 -12.51 -15.45 11.83
CA LEU B 48 -13.62 -15.00 12.65
CA LEU B 48 -13.61 -14.95 12.68
C LEU B 48 -14.44 -13.93 11.91
N LEU B 49 -13.80 -13.21 11.00
CA LEU B 49 -14.48 -12.29 10.08
C LEU B 49 -14.88 -13.02 8.80
N GLY B 50 -13.95 -13.76 8.22
CA GLY B 50 -14.19 -14.40 6.94
C GLY B 50 -15.35 -15.37 6.90
N GLN B 51 -15.59 -16.11 7.98
CA GLN B 51 -16.71 -17.06 8.04
C GLN B 51 -18.05 -16.39 7.70
N GLU B 52 -18.24 -15.18 8.22
CA GLU B 52 -19.48 -14.44 7.97
C GLU B 52 -19.61 -14.06 6.50
N GLN B 53 -18.48 -13.76 5.89
CA GLN B 53 -18.45 -13.37 4.49
C GLN B 53 -18.77 -14.55 3.58
N VAL B 54 -18.20 -15.71 3.89
CA VAL B 54 -18.52 -16.93 3.17
C VAL B 54 -20.01 -17.19 3.23
N ALA B 55 -20.60 -17.03 4.42
CA ALA B 55 -22.04 -17.25 4.59
C ALA B 55 -22.85 -16.33 3.67
N GLY B 56 -22.51 -15.05 3.63
CA GLY B 56 -23.21 -14.11 2.79
C GLY B 56 -23.04 -14.40 1.30
N ALA B 57 -21.84 -14.78 0.91
CA ALA B 57 -21.57 -15.09 -0.49
C ALA B 57 -22.38 -16.30 -0.94
N LYS B 58 -22.45 -17.34 -0.10
CA LYS B 58 -23.22 -18.53 -0.46
CA LYS B 58 -23.22 -18.54 -0.44
C LYS B 58 -24.70 -18.24 -0.56
N ILE B 59 -25.22 -17.39 0.31
CA ILE B 59 -26.61 -16.96 0.23
C ILE B 59 -26.87 -16.24 -1.08
N ALA B 60 -25.94 -15.36 -1.47
CA ALA B 60 -26.04 -14.66 -2.75
C ALA B 60 -26.05 -15.62 -3.93
N GLU B 61 -25.15 -16.61 -3.93
CA GLU B 61 -25.09 -17.54 -5.04
C GLU B 61 -26.44 -18.22 -5.27
N LYS B 62 -27.04 -18.72 -4.19
CA LYS B 62 -28.33 -19.38 -4.32
C LYS B 62 -29.42 -18.41 -4.74
N TYR B 63 -29.45 -17.23 -4.12
CA TYR B 63 -30.46 -16.24 -4.44
C TYR B 63 -30.44 -15.87 -5.93
N PHE B 64 -29.26 -15.51 -6.41
CA PHE B 64 -29.16 -15.07 -7.79
C PHE B 64 -29.34 -16.20 -8.80
N ASN B 65 -28.82 -17.39 -8.50
CA ASN B 65 -29.04 -18.50 -9.40
C ASN B 65 -30.50 -18.94 -9.44
N ASP B 66 -31.19 -18.85 -8.30
CA ASP B 66 -32.62 -19.19 -8.26
C ASP B 66 -33.43 -18.27 -9.17
N LYS B 67 -32.92 -17.07 -9.43
CA LYS B 67 -33.61 -16.12 -10.29
C LYS B 67 -33.12 -16.13 -11.73
N GLY B 68 -32.28 -17.12 -12.05
CA GLY B 68 -31.84 -17.33 -13.41
C GLY B 68 -30.39 -16.97 -13.66
N GLY B 69 -29.65 -16.62 -12.61
CA GLY B 69 -28.24 -16.28 -12.79
C GLY B 69 -28.06 -15.05 -13.65
N VAL B 70 -27.23 -15.16 -14.68
CA VAL B 70 -26.99 -14.07 -15.60
C VAL B 70 -27.80 -14.34 -16.86
N ASN B 71 -29.02 -13.83 -16.88
CA ASN B 71 -29.91 -13.99 -18.03
C ASN B 71 -30.02 -15.45 -18.48
N GLY B 72 -30.07 -16.36 -17.52
CA GLY B 72 -30.21 -17.78 -17.79
C GLY B 72 -28.97 -18.60 -17.50
N THR B 73 -27.80 -17.97 -17.52
CA THR B 73 -26.55 -18.69 -17.27
C THR B 73 -26.20 -18.61 -15.79
N PRO B 74 -26.12 -19.75 -15.10
CA PRO B 74 -25.79 -19.68 -13.67
C PRO B 74 -24.39 -19.12 -13.42
N ILE B 75 -24.22 -18.48 -12.28
CA ILE B 75 -22.88 -18.21 -11.79
C ILE B 75 -22.37 -19.40 -10.98
N LYS B 76 -21.06 -19.46 -10.85
CA LYS B 76 -20.43 -20.43 -9.99
CA LYS B 76 -20.41 -20.44 -9.99
C LYS B 76 -19.37 -19.72 -9.15
N LEU B 77 -19.58 -19.69 -7.84
CA LEU B 77 -18.59 -19.11 -6.95
C LEU B 77 -17.48 -20.12 -6.73
N ILE B 78 -16.25 -19.68 -6.93
CA ILE B 78 -15.08 -20.51 -6.71
C ILE B 78 -14.32 -19.93 -5.53
N PHE B 79 -14.27 -20.68 -4.43
CA PHE B 79 -13.66 -20.23 -3.20
C PHE B 79 -12.18 -20.63 -3.14
N GLN B 80 -11.31 -19.67 -2.87
CA GLN B 80 -9.92 -19.95 -2.57
C GLN B 80 -9.54 -19.24 -1.29
N ASP B 81 -9.25 -20.01 -0.25
CA ASP B 81 -8.90 -19.48 1.05
C ASP B 81 -7.60 -18.68 0.96
N THR B 82 -7.60 -17.48 1.52
CA THR B 82 -6.41 -16.63 1.58
C THR B 82 -5.54 -16.89 2.81
N ALA B 83 -6.09 -17.59 3.80
CA ALA B 83 -5.53 -17.60 5.15
C ALA B 83 -5.39 -16.16 5.66
N GLY B 84 -4.47 -15.92 6.59
CA GLY B 84 -4.45 -14.67 7.32
C GLY B 84 -3.36 -13.67 6.95
N ASP B 85 -2.55 -13.97 5.94
CA ASP B 85 -1.42 -13.13 5.58
C ASP B 85 -1.45 -12.68 4.13
N GLU B 86 -0.42 -11.94 3.73
CA GLU B 86 -0.34 -11.42 2.37
C GLU B 86 -0.04 -12.51 1.36
N ALA B 87 0.95 -13.35 1.68
CA ALA B 87 1.36 -14.41 0.77
C ALA B 87 0.19 -15.32 0.41
N GLY B 88 -0.64 -15.67 1.39
CA GLY B 88 -1.77 -16.52 1.12
C GLY B 88 -2.80 -15.85 0.23
N THR B 89 -2.94 -14.54 0.35
CA THR B 89 -3.87 -13.79 -0.46
C THR B 89 -3.37 -13.70 -1.91
N ILE B 90 -2.09 -13.41 -2.08
CA ILE B 90 -1.49 -13.39 -3.40
C ILE B 90 -1.68 -14.76 -4.07
N ASN B 91 -1.41 -15.83 -3.36
CA ASN B 91 -1.58 -17.17 -3.91
CA ASN B 91 -1.58 -17.16 -3.92
C ASN B 91 -3.02 -17.43 -4.32
N ALA B 92 -3.96 -17.06 -3.46
CA ALA B 92 -5.37 -17.25 -3.76
C ALA B 92 -5.77 -16.48 -5.01
N PHE B 93 -5.37 -15.22 -5.10
CA PHE B 93 -5.69 -14.40 -6.27
C PHE B 93 -5.10 -15.01 -7.54
N GLN B 94 -3.83 -15.41 -7.49
CA GLN B 94 -3.19 -15.98 -8.67
C GLN B 94 -3.85 -17.28 -9.11
N THR B 95 -4.24 -18.11 -8.16
CA THR B 95 -4.95 -19.34 -8.49
C THR B 95 -6.30 -19.03 -9.15
N LEU B 96 -7.04 -18.10 -8.56
CA LEU B 96 -8.34 -17.73 -9.13
C LEU B 96 -8.21 -17.16 -10.54
N ILE B 97 -7.21 -16.34 -10.76
CA ILE B 97 -7.02 -15.70 -12.06
C ILE B 97 -6.54 -16.68 -13.12
N ASN B 98 -5.56 -17.50 -12.75
CA ASN B 98 -4.85 -18.33 -13.73
C ASN B 98 -5.38 -19.75 -13.89
N LYS B 99 -5.75 -20.40 -12.80
CA LYS B 99 -6.28 -21.75 -12.86
C LYS B 99 -7.79 -21.74 -13.01
N ASP B 100 -8.46 -20.95 -12.18
CA ASP B 100 -9.92 -20.95 -12.15
C ASP B 100 -10.54 -20.01 -13.20
N LYS B 101 -9.73 -19.18 -13.82
CA LYS B 101 -10.19 -18.34 -14.95
C LYS B 101 -11.39 -17.49 -14.60
N VAL B 102 -11.38 -16.91 -13.40
CA VAL B 102 -12.56 -16.18 -12.95
C VAL B 102 -12.72 -14.84 -13.69
N VAL B 103 -13.97 -14.39 -13.80
CA VAL B 103 -14.24 -13.11 -14.45
C VAL B 103 -13.96 -11.93 -13.55
N GLY B 104 -13.91 -12.18 -12.24
CA GLY B 104 -13.71 -11.14 -11.24
C GLY B 104 -13.56 -11.79 -9.89
N ILE B 105 -13.05 -11.03 -8.92
CA ILE B 105 -12.81 -11.51 -7.57
C ILE B 105 -13.60 -10.67 -6.57
N VAL B 106 -14.17 -11.34 -5.58
CA VAL B 106 -14.65 -10.70 -4.36
C VAL B 106 -13.65 -11.05 -3.26
N GLY B 107 -13.06 -10.03 -2.65
CA GLY B 107 -12.11 -10.24 -1.57
C GLY B 107 -11.08 -9.13 -1.59
N PRO B 108 -10.06 -9.22 -0.73
CA PRO B 108 -9.91 -10.22 0.33
C PRO B 108 -10.62 -9.71 1.59
N THR B 109 -10.43 -10.40 2.71
CA THR B 109 -11.07 -9.98 3.95
C THR B 109 -10.46 -8.69 4.52
N LEU B 110 -9.14 -8.60 4.55
CA LEU B 110 -8.47 -7.49 5.21
C LEU B 110 -7.85 -6.48 4.26
N SER B 111 -7.93 -5.21 4.63
CA SER B 111 -7.16 -4.19 3.92
C SER B 111 -5.66 -4.51 3.89
N GLN B 112 -5.12 -5.03 5.00
CA GLN B 112 -3.71 -5.43 5.04
C GLN B 112 -3.36 -6.36 3.88
N GLN B 113 -4.24 -7.31 3.61
CA GLN B 113 -4.04 -8.24 2.50
C GLN B 113 -4.26 -7.59 1.14
N ALA B 114 -5.27 -6.74 1.04
CA ALA B 114 -5.61 -6.06 -0.20
C ALA B 114 -4.46 -5.20 -0.73
N PHE B 115 -3.76 -4.48 0.14
CA PHE B 115 -2.69 -3.62 -0.34
C PHE B 115 -1.58 -4.40 -1.03
N SER B 116 -1.37 -5.64 -0.61
CA SER B 116 -0.37 -6.49 -1.23
CA SER B 116 -0.37 -6.50 -1.26
C SER B 116 -0.88 -7.24 -2.47
N ALA B 117 -2.10 -7.79 -2.37
CA ALA B 117 -2.62 -8.66 -3.41
C ALA B 117 -3.40 -7.96 -4.51
N ASN B 118 -4.15 -6.91 -4.16
CA ASN B 118 -4.95 -6.26 -5.18
C ASN B 118 -4.12 -5.76 -6.38
N PRO B 119 -2.87 -5.28 -6.16
CA PRO B 119 -2.07 -4.90 -7.34
C PRO B 119 -1.84 -6.04 -8.33
N ILE B 120 -1.86 -7.29 -7.87
CA ILE B 120 -1.75 -8.45 -8.74
C ILE B 120 -2.93 -8.49 -9.75
N ALA B 121 -4.13 -8.32 -9.21
CA ALA B 121 -5.33 -8.29 -10.03
C ALA B 121 -5.35 -7.06 -10.95
N GLU B 122 -4.95 -5.91 -10.41
CA GLU B 122 -4.87 -4.69 -11.21
C GLU B 122 -3.97 -4.91 -12.43
N ARG B 123 -2.78 -5.46 -12.20
CA ARG B 123 -1.81 -5.69 -13.27
C ARG B 123 -2.38 -6.65 -14.31
N ALA B 124 -3.12 -7.66 -13.84
CA ALA B 124 -3.71 -8.67 -14.69
C ALA B 124 -5.02 -8.23 -15.36
N LYS B 125 -5.49 -7.03 -15.01
CA LYS B 125 -6.75 -6.50 -15.53
CA LYS B 125 -6.75 -6.50 -15.54
C LYS B 125 -7.93 -7.43 -15.21
N VAL B 126 -8.01 -7.80 -13.94
CA VAL B 126 -9.10 -8.60 -13.38
C VAL B 126 -9.80 -7.75 -12.31
N PRO B 127 -11.11 -7.55 -12.43
CA PRO B 127 -11.76 -6.73 -11.40
C PRO B 127 -11.73 -7.39 -10.02
N VAL B 128 -11.60 -6.53 -9.01
CA VAL B 128 -11.73 -6.89 -7.62
C VAL B 128 -12.80 -5.99 -7.00
N VAL B 129 -13.72 -6.59 -6.27
CA VAL B 129 -14.69 -5.84 -5.47
C VAL B 129 -14.45 -6.23 -4.02
N GLY B 130 -13.95 -5.27 -3.25
CA GLY B 130 -13.66 -5.49 -1.85
C GLY B 130 -14.91 -5.51 -1.01
N PRO B 131 -15.09 -6.56 -0.20
CA PRO B 131 -16.32 -6.69 0.59
C PRO B 131 -16.20 -6.12 2.01
N SER B 132 -15.01 -5.73 2.43
CA SER B 132 -14.74 -5.45 3.84
C SER B 132 -13.44 -4.71 4.04
N ASN B 133 -12.99 -4.00 3.00
CA ASN B 133 -11.68 -3.35 3.07
C ASN B 133 -11.90 -1.86 3.20
N THR B 134 -11.76 -1.36 4.42
CA THR B 134 -12.25 -0.03 4.72
C THR B 134 -11.14 0.98 5.00
N ALA B 135 -9.88 0.57 4.86
CA ALA B 135 -8.76 1.49 5.03
C ALA B 135 -8.75 2.56 3.94
N LYS B 136 -8.20 3.72 4.28
CA LYS B 136 -7.93 4.75 3.29
C LYS B 136 -7.01 4.20 2.21
N GLY B 137 -7.35 4.45 0.95
CA GLY B 137 -6.47 4.12 -0.16
C GLY B 137 -6.83 2.89 -0.97
N ILE B 138 -7.86 2.14 -0.58
CA ILE B 138 -8.17 0.91 -1.29
C ILE B 138 -8.58 1.12 -2.77
N PRO B 139 -9.60 1.98 -3.05
CA PRO B 139 -9.97 2.16 -4.47
C PRO B 139 -8.84 2.78 -5.29
N GLU B 140 -7.97 3.54 -4.63
CA GLU B 140 -6.83 4.17 -5.27
C GLU B 140 -5.76 3.17 -5.72
N ILE B 141 -5.88 1.92 -5.31
CA ILE B 141 -4.94 0.91 -5.78
C ILE B 141 -4.94 0.81 -7.30
N GLY B 142 -6.09 0.99 -7.93
CA GLY B 142 -6.12 1.01 -9.38
C GLY B 142 -7.51 1.02 -9.97
N ASP B 143 -7.52 0.97 -11.30
CA ASP B 143 -8.73 1.07 -12.10
C ASP B 143 -9.63 -0.15 -12.04
N TYR B 144 -9.10 -1.26 -11.52
CA TYR B 144 -9.82 -2.53 -11.40
C TYR B 144 -10.21 -2.83 -9.96
N VAL B 145 -9.93 -1.90 -9.05
CA VAL B 145 -10.25 -2.11 -7.63
C VAL B 145 -11.39 -1.20 -7.19
N ALA B 146 -12.51 -1.82 -6.83
CA ALA B 146 -13.64 -1.11 -6.26
C ALA B 146 -13.95 -1.75 -4.90
N ARG B 147 -14.81 -1.11 -4.11
CA ARG B 147 -15.25 -1.72 -2.86
C ARG B 147 -16.70 -1.38 -2.59
N VAL B 148 -17.40 -2.32 -1.95
CA VAL B 148 -18.75 -2.05 -1.47
C VAL B 148 -18.80 -1.73 0.01
N SER B 149 -17.64 -1.79 0.67
CA SER B 149 -17.50 -1.57 2.10
C SER B 149 -17.11 -0.12 2.38
N ALA B 150 -18.05 0.66 2.93
CA ALA B 150 -17.80 2.07 3.20
C ALA B 150 -16.59 2.25 4.12
N PRO B 151 -15.80 3.28 3.86
CA PRO B 151 -14.51 3.39 4.55
C PRO B 151 -14.57 3.94 5.97
N VAL B 152 -13.44 3.79 6.66
CA VAL B 152 -13.34 4.22 8.06
C VAL B 152 -13.72 5.68 8.26
N SER B 153 -13.40 6.55 7.30
CA SER B 153 -13.68 7.96 7.48
C SER B 153 -15.17 8.28 7.57
N VAL B 154 -15.99 7.42 6.97
CA VAL B 154 -17.44 7.66 7.05
CA VAL B 154 -17.44 7.58 6.96
C VAL B 154 -18.11 6.79 8.11
N VAL B 155 -17.56 5.62 8.41
CA VAL B 155 -18.21 4.72 9.36
C VAL B 155 -17.84 5.02 10.83
N ALA B 156 -16.55 5.14 11.10
CA ALA B 156 -16.08 5.21 12.49
C ALA B 156 -16.62 6.38 13.31
N PRO B 157 -16.73 7.60 12.75
CA PRO B 157 -17.16 8.70 13.63
C PRO B 157 -18.51 8.48 14.27
N ASN B 158 -19.38 7.72 13.59
CA ASN B 158 -20.71 7.53 14.14
CA ASN B 158 -20.73 7.42 14.09
C ASN B 158 -20.73 6.87 15.51
N SER B 159 -19.80 5.97 15.80
CA SER B 159 -19.80 5.34 17.11
C SER B 159 -19.34 6.29 18.22
N VAL B 160 -18.41 7.20 17.91
CA VAL B 160 -18.02 8.21 18.89
C VAL B 160 -19.22 9.11 19.20
N LYS B 161 -19.91 9.55 18.16
CA LYS B 161 -21.09 10.40 18.33
C LYS B 161 -22.16 9.68 19.16
N ALA B 162 -22.35 8.39 18.90
CA ALA B 162 -23.35 7.61 19.65
C ALA B 162 -22.96 7.45 21.12
N ALA B 163 -21.68 7.25 21.40
CA ALA B 163 -21.21 7.15 22.78
C ALA B 163 -21.50 8.43 23.56
N LEU B 164 -21.25 9.58 22.92
CA LEU B 164 -21.50 10.88 23.53
C LEU B 164 -22.99 11.13 23.76
N LYS B 165 -23.82 10.68 22.82
CA LYS B 165 -25.26 10.82 22.98
C LYS B 165 -25.72 10.00 24.16
N GLN B 166 -25.17 8.80 24.31
CA GLN B 166 -25.51 7.92 25.43
C GLN B 166 -25.04 8.45 26.78
N ASN B 167 -23.82 8.99 26.82
CA ASN B 167 -23.25 9.56 28.05
C ASN B 167 -22.57 10.88 27.79
N PRO B 168 -23.30 11.97 27.95
CA PRO B 168 -22.73 13.30 27.71
C PRO B 168 -21.60 13.66 28.67
N ASN B 169 -21.41 12.89 29.75
CA ASN B 169 -20.32 13.18 30.66
C ASN B 169 -18.95 12.69 30.17
N ILE B 170 -18.91 11.98 29.05
CA ILE B 170 -17.63 11.53 28.50
C ILE B 170 -16.75 12.73 28.15
N LYS B 171 -15.56 12.76 28.73
CA LYS B 171 -14.58 13.81 28.43
C LYS B 171 -13.21 13.26 28.05
N LYS B 172 -12.86 12.12 28.65
CA LYS B 172 -11.53 11.55 28.49
CA LYS B 172 -11.53 11.55 28.48
C LYS B 172 -11.58 10.24 27.72
N VAL B 173 -10.77 10.13 26.66
CA VAL B 173 -10.78 8.96 25.80
C VAL B 173 -9.40 8.32 25.69
N ALA B 174 -9.34 7.02 25.91
CA ALA B 174 -8.13 6.22 25.67
C ALA B 174 -8.32 5.42 24.40
N VAL B 175 -7.31 5.44 23.54
CA VAL B 175 -7.38 4.80 22.24
C VAL B 175 -6.33 3.71 22.12
N PHE B 176 -6.73 2.55 21.58
CA PHE B 176 -5.86 1.40 21.36
C PHE B 176 -5.90 1.02 19.90
N PHE B 177 -4.76 0.63 19.34
CA PHE B 177 -4.76 0.14 17.96
C PHE B 177 -3.70 -0.90 17.69
N ALA B 178 -4.01 -1.76 16.71
CA ALA B 178 -3.11 -2.82 16.28
C ALA B 178 -2.14 -2.26 15.24
N GLN B 179 -0.89 -2.08 15.66
CA GLN B 179 0.09 -1.38 14.83
C GLN B 179 0.56 -2.18 13.63
N ASN B 180 0.32 -3.49 13.62
CA ASN B 180 0.72 -4.32 12.50
C ASN B 180 -0.32 -4.43 11.39
N ASP B 181 -1.49 -3.84 11.58
CA ASP B 181 -2.60 -4.04 10.66
C ASP B 181 -2.98 -2.72 9.97
N ALA B 182 -3.00 -2.74 8.64
CA ALA B 182 -3.18 -1.51 7.87
C ALA B 182 -4.51 -0.83 8.17
N PHE B 183 -5.58 -1.62 8.20
CA PHE B 183 -6.88 -1.05 8.49
C PHE B 183 -6.93 -0.46 9.89
N SER B 184 -6.35 -1.15 10.87
CA SER B 184 -6.41 -0.66 12.25
C SER B 184 -5.71 0.69 12.38
N LYS B 185 -4.58 0.84 11.70
CA LYS B 185 -3.89 2.13 11.70
C LYS B 185 -4.70 3.22 11.01
N SER B 186 -5.36 2.88 9.92
CA SER B 186 -6.19 3.85 9.22
C SER B 186 -7.40 4.23 10.09
N GLU B 187 -8.03 3.24 10.70
CA GLU B 187 -9.19 3.48 11.53
C GLU B 187 -8.84 4.33 12.75
N THR B 188 -7.73 4.02 13.40
CA THR B 188 -7.38 4.74 14.62
C THR B 188 -7.14 6.21 14.33
N GLU B 189 -6.62 6.53 13.14
CA GLU B 189 -6.41 7.93 12.79
CA GLU B 189 -6.41 7.92 12.76
C GLU B 189 -7.75 8.67 12.75
N ILE B 190 -8.77 8.03 12.17
CA ILE B 190 -10.11 8.61 12.16
C ILE B 190 -10.69 8.73 13.57
N PHE B 191 -10.57 7.68 14.38
CA PHE B 191 -11.08 7.78 15.74
C PHE B 191 -10.39 8.90 16.53
N GLN B 192 -9.07 8.99 16.44
CA GLN B 192 -8.32 10.02 17.15
C GLN B 192 -8.72 11.41 16.70
N GLN B 193 -8.85 11.59 15.38
CA GLN B 193 -9.24 12.89 14.87
C GLN B 193 -10.66 13.25 15.29
N THR B 194 -11.55 12.25 15.34
CA THR B 194 -12.92 12.48 15.77
C THR B 194 -12.96 12.89 17.25
N VAL B 195 -12.21 12.19 18.09
CA VAL B 195 -12.07 12.55 19.50
C VAL B 195 -11.65 14.02 19.64
N LYS B 196 -10.62 14.41 18.90
CA LYS B 196 -10.16 15.78 18.93
C LYS B 196 -11.18 16.76 18.38
N ASP B 197 -11.75 16.43 17.23
CA ASP B 197 -12.67 17.35 16.56
C ASP B 197 -13.89 17.59 17.41
N GLN B 198 -14.30 16.58 18.16
CA GLN B 198 -15.43 16.70 19.06
C GLN B 198 -15.13 17.59 20.27
N GLY B 199 -13.86 17.73 20.63
CA GLY B 199 -13.45 18.48 21.80
C GLY B 199 -13.14 17.65 23.05
N LEU B 200 -12.92 16.36 22.84
CA LEU B 200 -12.59 15.45 23.93
C LEU B 200 -11.08 15.36 24.16
N GLU B 201 -10.69 14.84 25.32
CA GLU B 201 -9.28 14.65 25.60
CA GLU B 201 -9.28 14.65 25.63
C GLU B 201 -8.81 13.30 25.12
N LEU B 202 -7.64 13.30 24.48
CA LEU B 202 -6.97 12.08 24.05
C LEU B 202 -5.96 11.72 25.13
N VAL B 203 -6.41 10.95 26.12
CA VAL B 203 -5.57 10.76 27.30
C VAL B 203 -4.41 9.80 27.06
N THR B 204 -4.58 8.88 26.13
CA THR B 204 -3.47 8.01 25.74
C THR B 204 -3.77 7.33 24.42
N VAL B 205 -2.70 6.98 23.71
CA VAL B 205 -2.76 6.11 22.55
C VAL B 205 -1.84 4.92 22.82
N GLN B 206 -2.45 3.74 22.89
CA GLN B 206 -1.75 2.50 23.20
C GLN B 206 -1.70 1.60 21.97
N LYS B 207 -0.56 0.97 21.73
CA LYS B 207 -0.38 0.07 20.61
CA LYS B 207 -0.37 0.06 20.60
CA LYS B 207 -0.39 0.07 20.61
C LYS B 207 -0.36 -1.39 21.07
N PHE B 208 -0.77 -2.27 20.18
CA PHE B 208 -0.65 -3.71 20.36
C PHE B 208 -0.48 -4.34 18.99
N GLN B 209 -0.29 -5.66 18.95
CA GLN B 209 -0.24 -6.42 17.70
C GLN B 209 -1.42 -7.39 17.66
N THR B 210 -1.94 -7.68 16.48
CA THR B 210 -3.07 -8.60 16.36
C THR B 210 -2.74 -10.01 16.88
N THR B 211 -1.47 -10.36 16.95
CA THR B 211 -1.04 -11.65 17.45
C THR B 211 -0.88 -11.71 18.96
N ASP B 212 -0.93 -10.57 19.64
CA ASP B 212 -0.75 -10.56 21.08
C ASP B 212 -1.89 -11.25 21.81
N THR B 213 -1.56 -11.84 22.95
CA THR B 213 -2.58 -12.41 23.84
C THR B 213 -2.62 -11.73 25.22
N ASP B 214 -1.59 -10.97 25.57
CA ASP B 214 -1.48 -10.29 26.87
C ASP B 214 -1.51 -8.78 26.61
N PHE B 215 -2.52 -8.11 27.17
CA PHE B 215 -2.68 -6.67 27.03
C PHE B 215 -2.61 -5.95 28.38
N GLN B 216 -2.07 -6.62 29.40
CA GLN B 216 -2.14 -6.09 30.76
C GLN B 216 -1.51 -4.72 30.89
N SER B 217 -0.32 -4.54 30.34
CA SER B 217 0.38 -3.29 30.56
CA SER B 217 0.42 -3.29 30.49
C SER B 217 -0.34 -2.12 29.89
N GLN B 218 -0.78 -2.29 28.66
CA GLN B 218 -1.50 -1.22 27.97
C GLN B 218 -2.84 -0.92 28.65
N ALA B 219 -3.54 -1.97 29.05
CA ALA B 219 -4.82 -1.78 29.72
C ALA B 219 -4.66 -1.01 31.03
N THR B 220 -3.64 -1.39 31.81
CA THR B 220 -3.38 -0.72 33.08
C THR B 220 -2.99 0.75 32.87
N ASN B 221 -2.14 1.01 31.87
CA ASN B 221 -1.74 2.37 31.48
CA ASN B 221 -1.76 2.38 31.65
C ASN B 221 -2.95 3.26 31.27
N ALA B 222 -3.89 2.73 30.49
CA ALA B 222 -5.10 3.47 30.18
C ALA B 222 -5.99 3.62 31.41
N ILE B 223 -6.22 2.52 32.13
CA ILE B 223 -7.09 2.55 33.30
C ILE B 223 -6.66 3.58 34.34
N ASN B 224 -5.35 3.73 34.53
CA ASN B 224 -4.86 4.66 35.54
C ASN B 224 -5.10 6.13 35.19
N LEU B 225 -5.44 6.39 33.93
CA LEU B 225 -5.82 7.73 33.50
C LEU B 225 -7.31 8.02 33.68
N LYS B 226 -8.05 7.01 34.16
CA LYS B 226 -9.49 7.12 34.39
C LYS B 226 -10.27 7.66 33.18
N PRO B 227 -10.14 7.00 32.03
CA PRO B 227 -10.91 7.44 30.87
C PRO B 227 -12.40 7.17 31.05
N ASP B 228 -13.20 7.94 30.34
CA ASP B 228 -14.64 7.73 30.28
C ASP B 228 -15.04 6.84 29.10
N LEU B 229 -14.14 6.74 28.12
CA LEU B 229 -14.39 6.01 26.89
C LEU B 229 -13.08 5.39 26.45
N VAL B 230 -13.15 4.14 25.99
CA VAL B 230 -12.03 3.43 25.40
C VAL B 230 -12.43 3.06 23.98
N ILE B 231 -11.54 3.28 23.02
CA ILE B 231 -11.77 2.94 21.63
C ILE B 231 -10.71 1.93 21.20
N ILE B 232 -11.14 0.85 20.57
CA ILE B 232 -10.23 -0.22 20.15
C ILE B 232 -10.33 -0.46 18.65
N SER B 233 -9.20 -0.30 17.95
CA SER B 233 -9.07 -0.69 16.54
C SER B 233 -8.13 -1.88 16.43
N GLY B 234 -8.71 -3.06 16.31
CA GLY B 234 -7.95 -4.27 16.03
C GLY B 234 -8.86 -5.21 15.25
N LEU B 235 -8.52 -6.50 15.24
CA LEU B 235 -9.41 -7.50 14.67
C LEU B 235 -10.18 -8.18 15.82
N ALA B 236 -10.77 -9.34 15.56
CA ALA B 236 -11.81 -9.84 16.47
C ALA B 236 -11.23 -10.61 17.66
N ALA B 237 -10.33 -11.56 17.40
CA ALA B 237 -9.75 -12.33 18.49
C ALA B 237 -8.95 -11.41 19.43
N ASP B 238 -8.12 -10.57 18.83
CA ASP B 238 -7.32 -9.64 19.61
C ASP B 238 -8.19 -8.56 20.27
N GLY B 239 -9.06 -7.94 19.49
CA GLY B 239 -9.90 -6.88 20.04
C GLY B 239 -10.81 -7.38 21.14
N GLY B 240 -11.41 -8.55 20.94
CA GLY B 240 -12.28 -9.11 21.96
C GLY B 240 -11.55 -9.45 23.24
N ASN B 241 -10.32 -9.96 23.12
CA ASN B 241 -9.53 -10.24 24.30
C ASN B 241 -9.06 -8.99 25.02
N LEU B 242 -8.82 -7.92 24.29
CA LEU B 242 -8.49 -6.64 24.92
C LEU B 242 -9.70 -6.11 25.69
N VAL B 243 -10.90 -6.19 25.11
CA VAL B 243 -12.13 -5.84 25.84
C VAL B 243 -12.21 -6.63 27.15
N ARG B 244 -12.01 -7.94 27.06
CA ARG B 244 -12.09 -8.81 28.21
C ARG B 244 -11.10 -8.36 29.29
N GLN B 245 -9.86 -8.11 28.89
CA GLN B 245 -8.82 -7.80 29.85
C GLN B 245 -9.02 -6.43 30.51
N LEU B 246 -9.52 -5.46 29.73
CA LEU B 246 -9.89 -4.16 30.30
C LEU B 246 -10.95 -4.32 31.37
N ARG B 247 -12.00 -5.07 31.06
CA ARG B 247 -13.07 -5.28 32.03
C ARG B 247 -12.56 -6.03 33.26
N GLU B 248 -11.73 -7.05 33.06
CA GLU B 248 -11.19 -7.84 34.18
C GLU B 248 -10.34 -6.98 35.10
N LEU B 249 -9.70 -5.95 34.56
CA LEU B 249 -8.87 -5.04 35.33
C LEU B 249 -9.67 -3.89 35.95
N GLY B 250 -10.99 -3.93 35.78
CA GLY B 250 -11.86 -3.03 36.51
C GLY B 250 -12.35 -1.83 35.74
N TYR B 251 -12.05 -1.73 34.45
CA TYR B 251 -12.54 -0.61 33.66
C TYR B 251 -14.05 -0.73 33.50
N GLN B 252 -14.78 0.32 33.89
CA GLN B 252 -16.24 0.27 33.87
C GLN B 252 -16.87 1.26 32.90
N GLY B 253 -16.05 2.02 32.18
CA GLY B 253 -16.55 3.01 31.26
C GLY B 253 -17.01 2.45 29.93
N ALA B 254 -17.33 3.35 29.01
CA ALA B 254 -17.82 2.96 27.70
C ALA B 254 -16.69 2.39 26.85
N ILE B 255 -17.04 1.50 25.92
CA ILE B 255 -16.09 0.95 24.97
C ILE B 255 -16.69 0.98 23.58
N ILE B 256 -15.91 1.47 22.62
CA ILE B 256 -16.19 1.34 21.19
C ILE B 256 -15.22 0.35 20.58
N GLY B 257 -15.75 -0.57 19.80
CA GLY B 257 -14.93 -1.39 18.92
C GLY B 257 -15.06 -0.93 17.49
N GLY B 258 -13.95 -0.98 16.76
CA GLY B 258 -13.96 -0.70 15.34
C GLY B 258 -14.43 -1.88 14.51
N ASP B 259 -14.29 -1.74 13.20
CA ASP B 259 -14.89 -2.68 12.25
C ASP B 259 -14.30 -4.08 12.39
N GLY B 260 -13.05 -4.18 12.85
CA GLY B 260 -12.45 -5.50 12.99
C GLY B 260 -13.04 -6.35 14.09
N LEU B 261 -13.75 -5.71 15.02
CA LEU B 261 -14.48 -6.43 16.07
C LEU B 261 -15.93 -6.68 15.68
N ASN B 262 -16.33 -6.24 14.48
CA ASN B 262 -17.73 -6.22 14.08
C ASN B 262 -18.17 -7.54 13.48
N THR B 263 -18.09 -8.59 14.28
CA THR B 263 -18.49 -9.91 13.87
C THR B 263 -19.13 -10.57 15.07
N SER B 264 -20.17 -11.33 14.83
CA SER B 264 -20.85 -12.05 15.92
CA SER B 264 -20.83 -12.02 15.93
CA SER B 264 -20.85 -12.05 15.91
C SER B 264 -19.90 -13.03 16.60
N ASN B 265 -18.83 -13.42 15.91
CA ASN B 265 -17.86 -14.30 16.53
C ASN B 265 -17.09 -13.67 17.68
N VAL B 266 -17.13 -12.34 17.80
CA VAL B 266 -16.48 -11.70 18.93
C VAL B 266 -17.20 -12.03 20.24
N PHE B 267 -18.48 -12.38 20.16
CA PHE B 267 -19.23 -12.68 21.38
C PHE B 267 -18.62 -13.86 22.14
N ALA B 268 -18.04 -14.79 21.40
CA ALA B 268 -17.41 -15.98 21.99
C ALA B 268 -16.02 -15.71 22.56
N VAL B 269 -15.51 -14.49 22.36
CA VAL B 269 -14.21 -14.09 22.88
C VAL B 269 -14.40 -13.36 24.21
N CYS B 270 -15.11 -12.24 24.19
CA CYS B 270 -15.32 -11.50 25.43
C CYS B 270 -16.47 -12.00 26.32
N LYS B 271 -17.33 -12.88 25.79
CA LYS B 271 -18.43 -13.46 26.57
CA LYS B 271 -18.41 -13.45 26.60
C LYS B 271 -19.28 -12.34 27.18
N ALA B 272 -19.73 -12.48 28.43
CA ALA B 272 -20.57 -11.43 29.02
C ALA B 272 -19.87 -10.07 29.06
N LEU B 273 -18.54 -10.09 29.07
CA LEU B 273 -17.77 -8.85 29.11
C LEU B 273 -17.80 -8.06 27.80
N CYS B 274 -18.38 -8.63 26.73
CA CYS B 274 -18.66 -7.88 25.51
C CYS B 274 -19.82 -6.89 25.71
N ASP B 275 -20.62 -7.08 26.75
CA ASP B 275 -21.88 -6.35 26.87
C ASP B 275 -21.65 -4.85 26.89
N GLY B 276 -22.40 -4.13 26.05
CA GLY B 276 -22.33 -2.68 26.03
C GLY B 276 -21.37 -2.08 25.01
N VAL B 277 -20.50 -2.90 24.42
CA VAL B 277 -19.59 -2.38 23.41
C VAL B 277 -20.37 -1.82 22.22
N LEU B 278 -19.99 -0.61 21.80
CA LEU B 278 -20.61 0.08 20.66
C LEU B 278 -19.77 -0.15 19.41
N ILE B 279 -20.42 -0.52 18.33
CA ILE B 279 -19.74 -0.75 17.06
C ILE B 279 -20.58 -0.14 15.94
N ALA B 280 -19.98 0.78 15.18
CA ALA B 280 -20.64 1.37 14.02
C ALA B 280 -20.94 0.33 12.95
N GLN B 281 -21.96 0.58 12.16
CA GLN B 281 -22.47 -0.38 11.19
C GLN B 281 -22.75 0.28 9.85
N ALA B 282 -22.40 -0.44 8.79
CA ALA B 282 -22.69 -0.02 7.42
C ALA B 282 -23.85 -0.84 6.82
N TYR B 283 -24.65 -1.43 7.70
CA TYR B 283 -25.75 -2.33 7.32
C TYR B 283 -26.72 -2.40 8.48
N SER B 284 -28.02 -2.45 8.18
CA SER B 284 -29.01 -2.77 9.21
C SER B 284 -29.94 -3.88 8.74
N PRO B 285 -30.11 -4.93 9.55
CA PRO B 285 -31.07 -5.98 9.21
C PRO B 285 -32.48 -5.44 8.95
N GLU B 286 -32.83 -4.31 9.58
CA GLU B 286 -34.19 -3.79 9.46
C GLU B 286 -34.41 -2.84 8.28
N TYR B 287 -33.36 -2.56 7.50
CA TYR B 287 -33.54 -1.77 6.28
C TYR B 287 -34.57 -2.46 5.38
N THR B 288 -35.51 -1.68 4.84
CA THR B 288 -36.71 -2.24 4.21
C THR B 288 -36.60 -2.57 2.72
N GLY B 289 -35.42 -2.45 2.14
CA GLY B 289 -35.24 -2.79 0.74
C GLY B 289 -35.64 -4.22 0.44
N GLU B 290 -36.23 -4.43 -0.74
CA GLU B 290 -36.71 -5.75 -1.15
C GLU B 290 -35.62 -6.83 -1.11
N ILE B 291 -34.45 -6.51 -1.64
CA ILE B 291 -33.36 -7.46 -1.66
C ILE B 291 -32.88 -7.75 -0.24
N ASN B 292 -32.82 -6.73 0.61
CA ASN B 292 -32.49 -6.98 2.01
C ASN B 292 -33.48 -7.91 2.66
N LYS B 293 -34.77 -7.73 2.37
CA LYS B 293 -35.78 -8.59 2.96
C LYS B 293 -35.55 -10.06 2.60
N ALA B 294 -35.18 -10.31 1.35
CA ALA B 294 -34.91 -11.67 0.88
C ALA B 294 -33.61 -12.22 1.47
N PHE B 295 -32.57 -11.40 1.49
CA PHE B 295 -31.30 -11.80 2.07
C PHE B 295 -31.47 -12.14 3.56
N ARG B 296 -32.14 -11.24 4.29
CA ARG B 296 -32.35 -11.42 5.71
C ARG B 296 -33.12 -12.71 5.99
N GLN B 297 -34.18 -12.96 5.21
CA GLN B 297 -34.98 -14.16 5.41
C GLN B 297 -34.13 -15.42 5.22
N ALA B 298 -33.31 -15.44 4.17
CA ALA B 298 -32.44 -16.58 3.92
C ALA B 298 -31.44 -16.76 5.06
N TYR B 299 -30.87 -15.66 5.53
CA TYR B 299 -29.90 -15.74 6.62
C TYR B 299 -30.54 -16.25 7.91
N VAL B 300 -31.65 -15.64 8.31
CA VAL B 300 -32.30 -16.03 9.56
C VAL B 300 -32.80 -17.47 9.51
N ASP B 301 -33.34 -17.87 8.35
CA ASP B 301 -33.82 -19.24 8.17
C ASP B 301 -32.70 -20.24 8.47
N GLN B 302 -31.48 -19.92 8.01
CA GLN B 302 -30.38 -20.84 8.11
C GLN B 302 -29.63 -20.79 9.45
N TYR B 303 -29.38 -19.58 9.94
CA TYR B 303 -28.50 -19.39 11.09
C TYR B 303 -29.19 -19.03 12.40
N LYS B 304 -30.48 -18.71 12.33
CA LYS B 304 -31.29 -18.40 13.51
C LYS B 304 -30.79 -17.17 14.28
N LYS B 305 -30.00 -16.34 13.60
CA LYS B 305 -29.53 -15.06 14.12
C LYS B 305 -29.73 -14.04 13.01
N GLU B 306 -29.75 -12.76 13.36
CA GLU B 306 -29.83 -11.70 12.34
C GLU B 306 -28.54 -11.62 11.53
N PRO B 307 -28.65 -11.28 10.24
CA PRO B 307 -27.44 -11.17 9.42
C PRO B 307 -26.51 -10.07 9.89
N PRO B 308 -25.22 -10.41 10.02
CA PRO B 308 -24.21 -9.41 10.37
C PRO B 308 -23.76 -8.59 9.17
N GLN B 309 -23.19 -7.43 9.45
CA GLN B 309 -22.67 -6.56 8.41
C GLN B 309 -21.82 -7.29 7.37
N PHE B 310 -20.86 -8.10 7.82
CA PHE B 310 -19.92 -8.67 6.85
C PHE B 310 -20.63 -9.64 5.90
N SER B 311 -21.67 -10.32 6.38
CA SER B 311 -22.45 -11.19 5.50
C SER B 311 -23.20 -10.37 4.44
N ALA B 312 -23.80 -9.27 4.88
CA ALA B 312 -24.53 -8.39 3.97
C ALA B 312 -23.61 -7.77 2.91
N GLN B 313 -22.42 -7.36 3.34
CA GLN B 313 -21.48 -6.73 2.43
C GLN B 313 -20.95 -7.74 1.41
N ALA B 314 -20.72 -8.99 1.84
CA ALA B 314 -20.30 -10.02 0.90
C ALA B 314 -21.41 -10.33 -0.11
N PHE B 315 -22.64 -10.39 0.35
CA PHE B 315 -23.78 -10.56 -0.56
C PHE B 315 -23.80 -9.41 -1.58
N ALA B 316 -23.63 -8.19 -1.10
CA ALA B 316 -23.67 -7.02 -1.97
C ALA B 316 -22.58 -7.09 -3.04
N ALA B 317 -21.39 -7.56 -2.68
CA ALA B 317 -20.32 -7.68 -3.65
C ALA B 317 -20.67 -8.68 -4.76
N VAL B 318 -21.24 -9.82 -4.37
CA VAL B 318 -21.69 -10.79 -5.37
C VAL B 318 -22.80 -10.20 -6.24
N GLN B 319 -23.74 -9.49 -5.60
CA GLN B 319 -24.81 -8.81 -6.32
C GLN B 319 -24.28 -7.85 -7.39
N VAL B 320 -23.27 -7.07 -7.05
CA VAL B 320 -22.68 -6.15 -8.00
C VAL B 320 -22.18 -6.91 -9.23
N TYR B 321 -21.49 -8.02 -9.01
CA TYR B 321 -21.06 -8.82 -10.15
C TYR B 321 -22.22 -9.40 -10.96
N VAL B 322 -23.22 -9.97 -10.29
CA VAL B 322 -24.34 -10.57 -11.01
C VAL B 322 -25.08 -9.54 -11.85
N GLU B 323 -25.42 -8.40 -11.23
CA GLU B 323 -26.21 -7.41 -11.93
C GLU B 323 -25.40 -6.74 -13.04
N SER B 324 -24.10 -6.57 -12.84
CA SER B 324 -23.23 -6.03 -13.88
CA SER B 324 -23.26 -6.01 -13.90
C SER B 324 -23.07 -7.01 -15.04
N LEU B 325 -22.92 -8.29 -14.72
CA LEU B 325 -22.86 -9.31 -15.76
C LEU B 325 -24.17 -9.33 -16.57
N LYS B 326 -25.31 -9.22 -15.88
CA LYS B 326 -26.60 -9.15 -16.57
C LYS B 326 -26.66 -7.95 -17.51
N ALA B 327 -26.22 -6.79 -17.02
CA ALA B 327 -26.27 -5.56 -17.81
C ALA B 327 -25.36 -5.64 -19.02
N LEU B 328 -24.14 -6.13 -18.81
CA LEU B 328 -23.19 -6.32 -19.89
C LEU B 328 -23.73 -7.32 -20.92
N ASP B 329 -24.22 -8.45 -20.45
CA ASP B 329 -24.72 -9.50 -21.31
C ASP B 329 -25.89 -9.04 -22.17
N THR B 330 -26.74 -8.19 -21.62
CA THR B 330 -27.87 -7.61 -22.35
C THR B 330 -27.37 -6.81 -23.55
N LYS B 331 -26.31 -6.05 -23.35
CA LYS B 331 -25.76 -5.19 -24.38
C LYS B 331 -24.94 -5.96 -25.40
N ASN B 332 -24.13 -6.89 -24.90
CA ASN B 332 -23.26 -7.70 -25.73
C ASN B 332 -23.09 -9.04 -25.04
N LYS B 333 -23.63 -10.09 -25.64
CA LYS B 333 -23.64 -11.43 -25.05
CA LYS B 333 -23.64 -11.41 -25.02
C LYS B 333 -22.26 -11.85 -24.60
N VAL B 334 -22.11 -12.20 -23.32
CA VAL B 334 -20.79 -12.51 -22.80
C VAL B 334 -20.22 -13.82 -23.36
N SER B 335 -21.09 -14.68 -23.88
CA SER B 335 -20.63 -15.92 -24.50
C SER B 335 -19.83 -15.66 -25.77
N LYS B 336 -19.95 -14.46 -26.32
CA LYS B 336 -19.25 -14.11 -27.56
C LYS B 336 -17.89 -13.48 -27.29
N ILE B 337 -17.59 -13.25 -26.01
CA ILE B 337 -16.42 -12.49 -25.57
C ILE B 337 -15.34 -13.42 -25.00
N GLN B 338 -14.07 -13.15 -25.31
CA GLN B 338 -12.97 -13.88 -24.68
C GLN B 338 -12.71 -13.33 -23.28
N LEU B 339 -12.09 -14.15 -22.43
CA LEU B 339 -11.93 -13.81 -21.02
C LEU B 339 -11.25 -12.45 -20.74
N PRO B 340 -10.14 -12.13 -21.41
CA PRO B 340 -9.50 -10.85 -21.07
C PRO B 340 -10.41 -9.66 -21.34
N GLU B 341 -11.12 -9.69 -22.45
CA GLU B 341 -12.06 -8.63 -22.78
C GLU B 341 -13.27 -8.64 -21.85
N LEU B 342 -13.74 -9.82 -21.48
CA LEU B 342 -14.86 -9.92 -20.56
C LEU B 342 -14.52 -9.28 -19.21
N ARG B 343 -13.33 -9.57 -18.71
CA ARG B 343 -12.87 -8.96 -17.46
C ARG B 343 -12.85 -7.43 -17.54
N THR B 344 -12.29 -6.89 -18.62
CA THR B 344 -12.20 -5.46 -18.77
C THR B 344 -13.57 -4.82 -18.94
N GLU B 345 -14.44 -5.44 -19.72
CA GLU B 345 -15.78 -4.90 -19.93
C GLU B 345 -16.63 -5.01 -18.66
N LEU B 346 -16.43 -6.08 -17.90
CA LEU B 346 -17.14 -6.25 -16.63
C LEU B 346 -16.75 -5.18 -15.64
N ASN B 347 -15.45 -4.92 -15.53
CA ASN B 347 -14.95 -3.86 -14.67
C ASN B 347 -15.57 -2.50 -15.06
N LYS B 348 -15.54 -2.20 -16.35
CA LYS B 348 -16.11 -0.94 -16.84
C LYS B 348 -17.60 -0.84 -16.49
N GLN B 349 -18.33 -1.92 -16.74
CA GLN B 349 -19.75 -1.95 -16.47
C GLN B 349 -20.06 -1.77 -14.98
N LEU B 350 -19.37 -2.50 -14.12
CA LEU B 350 -19.77 -2.50 -12.72
C LEU B 350 -19.63 -1.10 -12.11
N LEU B 351 -18.63 -0.35 -12.56
CA LEU B 351 -18.41 1.00 -12.03
C LEU B 351 -19.54 1.96 -12.38
N THR B 352 -20.31 1.65 -13.42
CA THR B 352 -21.41 2.50 -13.85
C THR B 352 -22.76 2.16 -13.20
N GLY B 353 -22.83 1.04 -12.50
CA GLY B 353 -24.12 0.55 -12.04
C GLY B 353 -24.66 1.20 -10.80
N LYS B 354 -25.98 1.09 -10.66
CA LYS B 354 -26.70 1.45 -9.44
C LYS B 354 -27.34 0.17 -8.92
N TYR B 355 -27.19 -0.10 -7.64
CA TYR B 355 -27.59 -1.39 -7.07
C TYR B 355 -28.38 -1.18 -5.79
N ASN B 356 -29.56 -1.81 -5.71
CA ASN B 356 -30.35 -1.82 -4.50
CA ASN B 356 -30.29 -1.80 -4.45
C ASN B 356 -30.00 -3.10 -3.73
N THR B 357 -29.10 -2.97 -2.76
CA THR B 357 -28.49 -4.11 -2.10
C THR B 357 -28.97 -4.21 -0.65
N PRO B 358 -28.51 -5.23 0.10
CA PRO B 358 -28.85 -5.24 1.53
C PRO B 358 -28.36 -3.99 2.28
N LEU B 359 -27.32 -3.36 1.76
CA LEU B 359 -26.71 -2.17 2.36
C LEU B 359 -27.47 -0.89 2.04
N GLY B 360 -28.52 -1.01 1.23
CA GLY B 360 -29.19 0.15 0.67
C GLY B 360 -28.82 0.35 -0.79
N GLU B 361 -29.27 1.47 -1.33
CA GLU B 361 -28.93 1.85 -2.69
C GLU B 361 -27.50 2.34 -2.73
N ILE B 362 -26.67 1.67 -3.50
CA ILE B 362 -25.27 2.04 -3.62
C ILE B 362 -24.87 2.16 -5.09
N SER B 363 -23.74 2.81 -5.31
CA SER B 363 -23.15 2.96 -6.61
C SER B 363 -21.67 3.25 -6.38
N PHE B 364 -20.95 3.58 -7.44
CA PHE B 364 -19.52 3.84 -7.33
C PHE B 364 -19.19 5.17 -7.95
N THR B 365 -18.15 5.81 -7.43
CA THR B 365 -17.53 6.90 -8.16
C THR B 365 -16.52 6.29 -9.14
N PRO B 366 -16.00 7.09 -10.08
CA PRO B 366 -15.14 6.51 -11.11
C PRO B 366 -13.88 5.83 -10.55
N ILE B 367 -13.40 6.24 -9.38
CA ILE B 367 -12.21 5.64 -8.77
C ILE B 367 -12.54 4.31 -8.07
N GLY B 368 -13.83 3.98 -7.96
CA GLY B 368 -14.23 2.72 -7.36
C GLY B 368 -14.62 2.81 -5.90
N GLU B 369 -14.78 4.03 -5.39
CA GLU B 369 -15.28 4.23 -4.04
C GLU B 369 -16.78 4.00 -4.00
N VAL B 370 -17.27 3.43 -2.90
CA VAL B 370 -18.68 3.21 -2.74
C VAL B 370 -19.41 4.51 -2.37
N VAL B 371 -20.62 4.65 -2.91
CA VAL B 371 -21.53 5.72 -2.59
C VAL B 371 -22.66 5.08 -1.78
N GLN B 372 -22.78 5.49 -0.52
CA GLN B 372 -23.73 4.88 0.41
C GLN B 372 -24.16 5.93 1.41
N LYS B 373 -25.46 6.06 1.63
CA LYS B 373 -25.97 7.14 2.47
C LYS B 373 -26.12 6.81 3.96
N ASP B 374 -26.59 5.61 4.27
CA ASP B 374 -27.05 5.32 5.62
C ASP B 374 -26.12 4.45 6.45
N PHE B 375 -25.88 4.91 7.68
CA PHE B 375 -25.02 4.24 8.65
C PHE B 375 -25.73 4.19 9.98
N TYR B 376 -25.27 3.30 10.84
CA TYR B 376 -25.93 3.03 12.11
C TYR B 376 -24.89 2.78 13.16
N VAL B 377 -25.34 2.63 14.41
CA VAL B 377 -24.49 2.12 15.48
C VAL B 377 -25.28 1.05 16.21
N ALA B 378 -24.62 -0.05 16.54
CA ALA B 378 -25.21 -1.09 17.35
C ALA B 378 -24.43 -1.26 18.64
N GLN B 379 -25.09 -1.85 19.63
CA GLN B 379 -24.49 -2.09 20.92
C GLN B 379 -24.64 -3.58 21.22
N ILE B 380 -23.55 -4.20 21.64
CA ILE B 380 -23.60 -5.63 21.94
C ILE B 380 -24.43 -5.85 23.19
N LYS B 381 -25.40 -6.76 23.09
CA LYS B 381 -26.20 -7.16 24.24
C LYS B 381 -25.97 -8.64 24.47
N MSE B 382 -25.33 -8.97 25.60
CA MSE B 382 -25.05 -10.37 25.93
C MSE B 382 -26.06 -10.93 26.90
O MSE B 382 -26.55 -10.22 27.78
CB MSE B 382 -23.67 -10.49 26.57
CG MSE B 382 -22.51 -10.01 25.70
SE MSE B 382 -22.30 -11.03 24.05
CE MSE B 382 -22.11 -12.81 24.82
N GLU B 383 -26.38 -12.21 26.76
CA GLU B 383 -27.15 -12.89 27.77
C GLU B 383 -26.29 -12.97 29.02
N LYS B 384 -26.94 -13.04 30.18
CA LYS B 384 -26.25 -12.94 31.46
C LYS B 384 -25.11 -13.96 31.62
N ASP B 385 -25.33 -15.18 31.14
CA ASP B 385 -24.33 -16.22 31.27
C ASP B 385 -23.23 -16.17 30.20
N GLY B 386 -23.34 -15.19 29.30
CA GLY B 386 -22.32 -14.99 28.28
C GLY B 386 -22.39 -15.92 27.08
N SER B 387 -23.40 -16.77 27.01
CA SER B 387 -23.42 -17.85 26.01
C SER B 387 -24.01 -17.46 24.65
N GLN B 388 -24.69 -16.33 24.58
CA GLN B 388 -25.28 -15.83 23.35
C GLN B 388 -25.27 -14.32 23.40
N GLY B 389 -25.23 -13.68 22.25
CA GLY B 389 -25.36 -12.23 22.18
C GLY B 389 -25.97 -11.79 20.87
N LYS B 390 -26.20 -10.49 20.77
CA LYS B 390 -26.72 -9.89 19.55
C LYS B 390 -26.29 -8.43 19.47
N PHE B 391 -26.37 -7.90 18.26
CA PHE B 391 -26.14 -6.48 18.02
C PHE B 391 -27.48 -5.77 18.06
N THR B 392 -27.68 -4.94 19.08
CA THR B 392 -28.90 -4.15 19.20
C THR B 392 -28.69 -2.78 18.58
N PHE B 393 -29.51 -2.46 17.58
CA PHE B 393 -29.35 -1.22 16.84
C PHE B 393 -29.92 -0.03 17.59
N LEU B 394 -29.12 1.01 17.71
CA LEU B 394 -29.57 2.24 18.34
C LEU B 394 -30.49 2.98 17.38
N LYS B 395 -31.51 3.64 17.94
CA LYS B 395 -32.46 4.40 17.14
C LYS B 395 -31.93 5.81 16.89
N ALA C . 12.15 6.73 -6.76
CA ALA C . 11.30 5.98 -7.69
C ALA C . 10.34 5.08 -6.91
O ALA C . 9.73 4.18 -7.52
CB ALA C . 12.16 5.18 -8.68
OXT ALA C . 10.18 5.31 -5.69
MG MG D . 10.18 0.65 8.82
C FMT E . 0.61 34.29 -16.63
O1 FMT E . 1.22 34.67 -17.64
O2 FMT E . -0.21 34.97 -16.02
C FMT F . -5.01 5.93 -8.26
O1 FMT F . -6.06 6.55 -8.11
O2 FMT F . -4.17 5.76 -7.37
C FMT G . 11.59 29.54 -2.45
O1 FMT G . 11.25 30.65 -2.86
O2 FMT G . 11.07 28.96 -1.49
C FMT H . 38.81 6.78 -16.24
O1 FMT H . 37.75 6.87 -16.86
O2 FMT H . 39.12 7.47 -15.28
C1 PEG I . -2.09 11.59 -7.81
O1 PEG I . -1.43 11.95 -6.61
C2 PEG I . -3.30 10.75 -7.46
O2 PEG I . -3.65 9.92 -8.55
C3 PEG I . -4.78 10.34 -9.29
C4 PEG I . -4.96 9.43 -10.52
N ALA J . -12.67 -3.43 7.54
CA ALA J . -11.51 -4.19 8.02
C ALA J . -10.36 -4.04 7.03
O ALA J . -10.43 -3.12 6.20
CB ALA J . -11.88 -5.67 8.24
OXT ALA J . -9.38 -4.81 7.10
MG MG K . -10.35 1.84 -8.14
#